data_5V44
#
_entry.id   5V44
#
_cell.length_a   41.068
_cell.length_b   41.721
_cell.length_c   105.892
_cell.angle_alpha   97.86
_cell.angle_beta   95.76
_cell.angle_gamma   107.20
#
_symmetry.space_group_name_H-M   'P 1'
#
loop_
_entity.id
_entity.type
_entity.pdbx_description
1 polymer Sacsin
2 non-polymer GLYCEROL
3 water water
#
_entity_poly.entity_id   1
_entity_poly.type   'polypeptide(L)'
_entity_poly.pdbx_seq_one_letter_code
;GPLGSFGQTTPPLVDFLKDILRRYPEGGQILKELIQNAEDAGATEVKFLYDETQYGTETLWSKD(MSE)APYQGPALYVY
NNAVFTPEDWHGIQEIARSRKKDDPLKVGRFGIGFNSVYHITDVPCIFSGDQIG(MSE)LDPHQTLFGPHESGQCWNLKD
DSKEISELSDQFAPFVGIFGSTKETFINGNFPGTFFRFPLRLQPSQLSSNLYNKQKVLELFESFRADADTVLLFLKSVQD
VSLYVREADGTEKLVFRVTSS
;
_entity_poly.pdbx_strand_id   A,B,C
#
loop_
_chem_comp.id
_chem_comp.type
_chem_comp.name
_chem_comp.formula
GOL non-polymer GLYCEROL 'C3 H8 O3'
#
# COMPACT_ATOMS: atom_id res chain seq x y z
N PRO A 11 -38.59 -21.81 -40.68
CA PRO A 11 -38.61 -21.22 -39.35
C PRO A 11 -37.83 -19.91 -39.28
N PRO A 12 -38.50 -18.76 -39.55
CA PRO A 12 -37.81 -17.46 -39.52
C PRO A 12 -37.34 -17.09 -38.11
N LEU A 13 -36.32 -16.23 -38.04
CA LEU A 13 -35.55 -16.00 -36.81
C LEU A 13 -36.45 -15.51 -35.68
N VAL A 14 -37.26 -14.49 -35.96
CA VAL A 14 -38.19 -13.97 -34.97
C VAL A 14 -39.18 -15.02 -34.45
N ASP A 15 -39.75 -15.84 -35.35
CA ASP A 15 -40.68 -16.87 -34.92
C ASP A 15 -39.99 -17.99 -34.15
N PHE A 16 -38.81 -18.38 -34.60
CA PHE A 16 -37.97 -19.34 -33.89
C PHE A 16 -37.72 -18.88 -32.45
N LEU A 17 -37.24 -17.65 -32.30
CA LEU A 17 -36.92 -17.13 -30.98
C LEU A 17 -38.17 -17.01 -30.12
N LYS A 18 -39.26 -16.55 -30.75
CA LYS A 18 -40.53 -16.44 -30.06
C LYS A 18 -40.93 -17.77 -29.42
N ASP A 19 -40.77 -18.84 -30.19
CA ASP A 19 -41.14 -20.18 -29.74
C ASP A 19 -40.20 -20.67 -28.62
N ILE A 20 -38.91 -20.42 -28.77
CA ILE A 20 -37.92 -20.77 -27.76
C ILE A 20 -38.25 -20.10 -26.42
N LEU A 21 -38.67 -18.83 -26.48
CA LEU A 21 -39.02 -18.07 -25.27
C LEU A 21 -40.29 -18.62 -24.60
N ARG A 22 -41.23 -19.11 -25.42
CA ARG A 22 -42.39 -19.83 -24.92
C ARG A 22 -42.04 -21.18 -24.27
N ARG A 23 -41.09 -21.90 -24.87
CA ARG A 23 -40.69 -23.21 -24.38
C ARG A 23 -39.82 -23.14 -23.13
N TYR A 24 -39.05 -22.07 -23.02
CA TYR A 24 -38.18 -21.84 -21.86
C TYR A 24 -38.53 -20.51 -21.19
N PRO A 25 -39.63 -20.48 -20.41
CA PRO A 25 -40.33 -19.23 -20.11
C PRO A 25 -39.72 -18.40 -18.98
N GLU A 26 -38.75 -18.95 -18.24
CA GLU A 26 -38.25 -18.26 -17.05
C GLU A 26 -37.46 -17.03 -17.44
N GLY A 27 -38.00 -15.85 -17.10
CA GLY A 27 -37.41 -14.58 -17.49
C GLY A 27 -36.01 -14.35 -16.94
N GLY A 28 -35.66 -15.11 -15.91
CA GLY A 28 -34.43 -14.87 -15.17
C GLY A 28 -33.24 -15.67 -15.63
N GLN A 29 -33.41 -16.55 -16.61
CA GLN A 29 -32.30 -17.45 -16.97
CA GLN A 29 -32.34 -17.45 -17.06
C GLN A 29 -31.08 -16.68 -17.43
N ILE A 30 -31.27 -15.52 -18.08
CA ILE A 30 -30.11 -14.75 -18.57
C ILE A 30 -29.11 -14.41 -17.45
N LEU A 31 -29.59 -14.27 -16.21
CA LEU A 31 -28.74 -13.91 -15.05
C LEU A 31 -27.77 -15.03 -14.70
N LYS A 32 -28.29 -16.24 -14.52
CA LYS A 32 -27.43 -17.40 -14.35
C LYS A 32 -26.58 -17.68 -15.60
N GLU A 33 -27.16 -17.48 -16.79
CA GLU A 33 -26.43 -17.68 -18.04
C GLU A 33 -25.21 -16.74 -18.16
N LEU A 34 -25.40 -15.47 -17.82
CA LEU A 34 -24.30 -14.51 -17.91
C LEU A 34 -23.26 -14.75 -16.83
N ILE A 35 -23.67 -15.28 -15.68
CA ILE A 35 -22.68 -15.68 -14.70
C ILE A 35 -21.84 -16.84 -15.26
N GLN A 36 -22.49 -17.80 -15.92
CA GLN A 36 -21.77 -18.94 -16.51
C GLN A 36 -20.80 -18.50 -17.61
N ASN A 37 -21.24 -17.54 -18.40
CA ASN A 37 -20.36 -17.02 -19.45
C ASN A 37 -19.16 -16.30 -18.89
N ALA A 38 -19.39 -15.51 -17.84
CA ALA A 38 -18.29 -14.86 -17.15
C ALA A 38 -17.31 -15.88 -16.59
N GLU A 39 -17.83 -16.95 -15.97
CA GLU A 39 -17.02 -18.04 -15.49
C GLU A 39 -16.10 -18.62 -16.56
N ASP A 40 -16.67 -18.90 -17.73
CA ASP A 40 -15.94 -19.51 -18.85
C ASP A 40 -14.85 -18.59 -19.34
N ALA A 41 -15.12 -17.29 -19.26
CA ALA A 41 -14.19 -16.28 -19.72
C ALA A 41 -13.07 -15.99 -18.73
N GLY A 42 -13.15 -16.60 -17.54
CA GLY A 42 -12.17 -16.38 -16.48
C GLY A 42 -12.38 -15.09 -15.71
N ALA A 43 -13.57 -14.52 -15.80
CA ALA A 43 -13.90 -13.35 -14.96
C ALA A 43 -13.91 -13.77 -13.50
N THR A 44 -13.60 -12.82 -12.61
CA THR A 44 -13.68 -13.08 -11.18
C THR A 44 -14.84 -12.37 -10.50
N GLU A 45 -15.44 -11.39 -11.17
CA GLU A 45 -16.60 -10.71 -10.61
C GLU A 45 -17.63 -10.41 -11.69
N VAL A 46 -18.89 -10.41 -11.28
CA VAL A 46 -20.01 -10.03 -12.12
C VAL A 46 -20.81 -8.99 -11.35
N LYS A 47 -21.24 -7.94 -12.05
CA LYS A 47 -22.11 -6.95 -11.45
C LYS A 47 -23.37 -6.81 -12.28
N PHE A 48 -24.51 -6.75 -11.62
CA PHE A 48 -25.78 -6.44 -12.29
C PHE A 48 -26.25 -5.11 -11.78
N LEU A 49 -26.75 -4.26 -12.68
CA LEU A 49 -27.21 -2.95 -12.27
C LEU A 49 -28.45 -2.59 -13.06
N TYR A 50 -29.52 -2.31 -12.33
CA TYR A 50 -30.73 -1.76 -12.93
C TYR A 50 -30.59 -0.25 -12.96
N ASP A 51 -30.64 0.32 -14.15
CA ASP A 51 -30.40 1.74 -14.30
C ASP A 51 -31.69 2.39 -14.72
N GLU A 52 -32.15 3.35 -13.93
CA GLU A 52 -33.36 4.08 -14.24
C GLU A 52 -33.17 5.21 -15.25
N THR A 53 -31.91 5.49 -15.61
CA THR A 53 -31.57 6.66 -16.44
C THR A 53 -32.31 6.60 -17.77
N GLN A 54 -32.95 7.71 -18.15
CA GLN A 54 -33.50 7.86 -19.48
C GLN A 54 -32.55 8.70 -20.33
N TYR A 55 -32.17 8.17 -21.49
CA TYR A 55 -31.26 8.85 -22.41
C TYR A 55 -32.03 9.57 -23.50
N GLY A 56 -31.33 10.46 -24.20
CA GLY A 56 -31.96 11.24 -25.25
C GLY A 56 -32.31 10.40 -26.45
N THR A 57 -33.19 10.95 -27.28
CA THR A 57 -33.66 10.22 -28.47
C THR A 57 -33.40 11.00 -29.75
N GLU A 58 -32.43 11.91 -29.71
CA GLU A 58 -32.18 12.77 -30.87
C GLU A 58 -31.11 12.13 -31.75
N THR A 59 -29.91 11.95 -31.21
CA THR A 59 -28.77 11.57 -32.02
C THR A 59 -28.59 10.06 -31.98
N LEU A 60 -29.57 9.39 -32.59
CA LEU A 60 -29.60 7.94 -32.70
C LEU A 60 -29.28 7.48 -34.11
N TRP A 61 -28.87 6.22 -34.22
CA TRP A 61 -28.75 5.56 -35.52
C TRP A 61 -29.97 5.81 -36.42
N SER A 62 -31.15 5.60 -35.86
CA SER A 62 -32.40 5.99 -36.51
C SER A 62 -33.47 6.28 -35.45
N LYS A 63 -34.60 6.88 -35.85
CA LYS A 63 -35.68 7.16 -34.89
C LYS A 63 -36.28 5.89 -34.31
N ASP A 64 -36.14 4.78 -35.04
CA ASP A 64 -36.61 3.48 -34.57
C ASP A 64 -35.83 2.95 -33.37
N MSE A 65 -34.69 3.58 -33.07
CA MSE A 65 -33.93 3.24 -31.86
C MSE A 65 -34.47 3.85 -30.59
O MSE A 65 -34.05 3.49 -29.49
CB MSE A 65 -32.45 3.63 -31.98
CG MSE A 65 -31.78 3.07 -33.23
SE MSE A 65 -31.87 1.09 -33.31
CE MSE A 65 -30.73 0.67 -31.76
N ALA A 66 -35.41 4.81 -30.71
CA ALA A 66 -35.87 5.53 -29.54
C ALA A 66 -36.43 4.66 -28.40
N PRO A 67 -37.16 3.56 -28.71
CA PRO A 67 -37.73 2.76 -27.61
C PRO A 67 -36.69 2.07 -26.72
N TYR A 68 -35.42 2.16 -27.08
CA TYR A 68 -34.37 1.42 -26.37
C TYR A 68 -33.43 2.33 -25.61
N GLN A 69 -33.84 3.60 -25.49
CA GLN A 69 -33.05 4.62 -24.82
C GLN A 69 -33.36 4.78 -23.34
N GLY A 70 -34.31 4.00 -22.83
CA GLY A 70 -34.77 4.15 -21.45
C GLY A 70 -34.08 3.21 -20.47
N PRO A 71 -34.75 2.89 -19.36
CA PRO A 71 -34.17 2.07 -18.30
C PRO A 71 -33.66 0.73 -18.80
N ALA A 72 -32.57 0.26 -18.21
CA ALA A 72 -31.91 -0.93 -18.72
C ALA A 72 -31.31 -1.74 -17.61
N LEU A 73 -31.24 -3.04 -17.82
CA LEU A 73 -30.38 -3.89 -16.99
C LEU A 73 -29.01 -3.97 -17.61
N TYR A 74 -28.01 -3.62 -16.81
CA TYR A 74 -26.62 -3.74 -17.22
C TYR A 74 -26.00 -4.92 -16.50
N VAL A 75 -25.06 -5.55 -17.19
CA VAL A 75 -24.34 -6.68 -16.59
C VAL A 75 -22.88 -6.53 -16.94
N TYR A 76 -22.00 -6.51 -15.93
CA TYR A 76 -20.57 -6.33 -16.15
C TYR A 76 -19.82 -7.57 -15.72
N ASN A 77 -18.75 -7.92 -16.45
CA ASN A 77 -17.72 -8.79 -15.89
C ASN A 77 -16.33 -8.30 -16.24
N ASN A 78 -15.32 -8.74 -15.50
CA ASN A 78 -13.97 -8.20 -15.65
C ASN A 78 -13.10 -8.97 -16.60
N ALA A 79 -13.72 -9.78 -17.47
CA ALA A 79 -12.99 -10.38 -18.59
C ALA A 79 -13.27 -9.58 -19.85
N VAL A 80 -12.44 -9.81 -20.87
CA VAL A 80 -12.65 -9.22 -22.19
C VAL A 80 -13.01 -10.35 -23.16
N PHE A 81 -13.99 -10.07 -24.03
CA PHE A 81 -14.39 -10.98 -25.11
C PHE A 81 -13.22 -11.31 -26.00
N THR A 82 -13.07 -12.59 -26.30
CA THR A 82 -12.25 -13.01 -27.42
C THR A 82 -13.03 -12.90 -28.73
N PRO A 83 -12.33 -12.96 -29.87
CA PRO A 83 -13.02 -13.08 -31.15
C PRO A 83 -14.06 -14.20 -31.19
N GLU A 84 -13.74 -15.33 -30.56
CA GLU A 84 -14.67 -16.47 -30.52
C GLU A 84 -15.93 -16.16 -29.72
N ASP A 85 -15.78 -15.42 -28.61
CA ASP A 85 -16.94 -14.95 -27.83
C ASP A 85 -17.89 -14.09 -28.67
N TRP A 86 -17.34 -13.20 -29.49
CA TRP A 86 -18.14 -12.35 -30.37
C TRP A 86 -18.87 -13.16 -31.42
N HIS A 87 -18.18 -14.14 -31.99
CA HIS A 87 -18.79 -15.04 -32.96
C HIS A 87 -19.92 -15.86 -32.34
N GLY A 88 -19.73 -16.28 -31.10
CA GLY A 88 -20.73 -17.06 -30.37
C GLY A 88 -21.98 -16.26 -30.07
N ILE A 89 -21.81 -14.95 -29.88
CA ILE A 89 -22.89 -14.09 -29.40
C ILE A 89 -23.75 -13.54 -30.55
N GLN A 90 -23.19 -13.50 -31.75
CA GLN A 90 -23.75 -12.72 -32.86
C GLN A 90 -24.39 -13.61 -33.92
N GLY A 108 -31.44 -25.67 -22.23
CA GLY A 108 -30.51 -24.55 -22.19
C GLY A 108 -30.48 -23.79 -23.51
N ILE A 109 -31.05 -22.59 -23.50
CA ILE A 109 -31.18 -21.78 -24.72
C ILE A 109 -30.10 -20.70 -24.86
N GLY A 110 -29.10 -20.74 -23.97
CA GLY A 110 -27.91 -19.90 -24.10
C GLY A 110 -28.24 -18.42 -23.96
N PHE A 111 -27.61 -17.59 -24.79
CA PHE A 111 -27.80 -16.14 -24.71
C PHE A 111 -29.23 -15.73 -25.00
N ASN A 112 -29.96 -16.60 -25.68
CA ASN A 112 -31.27 -16.23 -26.22
C ASN A 112 -32.29 -15.92 -25.14
N SER A 113 -32.02 -16.35 -23.91
CA SER A 113 -32.88 -16.00 -22.78
C SER A 113 -32.92 -14.48 -22.51
N VAL A 114 -31.92 -13.76 -23.02
CA VAL A 114 -31.91 -12.30 -22.90
C VAL A 114 -33.18 -11.67 -23.48
N TYR A 115 -33.77 -12.33 -24.47
CA TYR A 115 -34.88 -11.72 -25.16
C TYR A 115 -36.16 -11.71 -24.33
N HIS A 116 -36.15 -12.42 -23.21
CA HIS A 116 -37.22 -12.27 -22.24
C HIS A 116 -37.38 -10.84 -21.77
N ILE A 117 -36.27 -10.12 -21.64
CA ILE A 117 -36.28 -8.79 -21.02
C ILE A 117 -36.04 -7.64 -21.99
N THR A 118 -35.45 -7.92 -23.15
CA THR A 118 -35.11 -6.86 -24.09
C THR A 118 -35.25 -7.31 -25.54
N ASP A 119 -35.58 -6.37 -26.41
CA ASP A 119 -35.52 -6.65 -27.85
C ASP A 119 -34.18 -6.41 -28.51
N VAL A 120 -33.33 -5.61 -27.84
CA VAL A 120 -32.10 -5.14 -28.46
C VAL A 120 -30.98 -5.23 -27.42
N PRO A 121 -30.45 -6.45 -27.22
CA PRO A 121 -29.30 -6.56 -26.32
C PRO A 121 -28.07 -5.88 -26.90
N CYS A 122 -27.33 -5.17 -26.05
CA CYS A 122 -26.09 -4.51 -26.46
C CYS A 122 -24.92 -5.09 -25.71
N ILE A 123 -23.79 -5.21 -26.39
CA ILE A 123 -22.59 -5.83 -25.83
C ILE A 123 -21.42 -4.89 -26.08
N PHE A 124 -20.67 -4.57 -25.03
CA PHE A 124 -19.50 -3.67 -25.13
C PHE A 124 -18.32 -4.39 -24.50
N SER A 125 -17.32 -4.70 -25.29
CA SER A 125 -16.13 -5.34 -24.74
C SER A 125 -14.92 -4.95 -25.54
N GLY A 126 -13.86 -4.53 -24.86
CA GLY A 126 -12.64 -4.14 -25.56
C GLY A 126 -12.87 -2.95 -26.46
N ASP A 127 -12.68 -3.17 -27.76
CA ASP A 127 -12.75 -2.08 -28.73
C ASP A 127 -14.03 -2.10 -29.56
N GLN A 128 -15.03 -2.86 -29.11
CA GLN A 128 -16.21 -3.09 -29.97
C GLN A 128 -17.52 -3.01 -29.19
N ILE A 129 -18.53 -2.41 -29.80
CA ILE A 129 -19.90 -2.45 -29.28
C ILE A 129 -20.78 -3.10 -30.33
N GLY A 130 -21.57 -4.06 -29.91
CA GLY A 130 -22.53 -4.71 -30.81
C GLY A 130 -23.94 -4.59 -30.27
N MSE A 131 -24.91 -4.56 -31.17
CA MSE A 131 -26.34 -4.55 -30.81
C MSE A 131 -26.97 -5.61 -31.67
O MSE A 131 -26.74 -5.66 -32.87
CB MSE A 131 -26.92 -3.19 -31.17
CG MSE A 131 -26.31 -2.10 -30.29
SE MSE A 131 -27.32 -0.43 -30.55
CE MSE A 131 -26.18 0.60 -29.31
N LEU A 132 -27.74 -6.49 -31.04
CA LEU A 132 -28.43 -7.55 -31.79
C LEU A 132 -29.88 -7.15 -32.05
N ASP A 133 -30.37 -7.49 -33.23
CA ASP A 133 -31.76 -7.20 -33.59
C ASP A 133 -32.42 -8.38 -34.30
N PRO A 134 -33.02 -9.31 -33.53
CA PRO A 134 -33.69 -10.46 -34.15
C PRO A 134 -34.89 -10.08 -35.00
N HIS A 135 -35.44 -8.88 -34.81
CA HIS A 135 -36.57 -8.42 -35.64
C HIS A 135 -36.13 -8.20 -37.06
N GLN A 136 -34.82 -8.03 -37.25
CA GLN A 136 -34.22 -7.74 -38.56
C GLN A 136 -34.86 -6.52 -39.25
N THR A 137 -35.06 -5.46 -38.45
CA THR A 137 -35.71 -4.24 -38.94
C THR A 137 -34.86 -3.00 -38.69
N LEU A 138 -34.05 -3.01 -37.64
CA LEU A 138 -33.44 -1.76 -37.16
C LEU A 138 -32.25 -1.33 -38.02
N PHE A 139 -31.51 -2.29 -38.55
CA PHE A 139 -30.24 -1.99 -39.20
C PHE A 139 -30.25 -2.29 -40.70
N GLY A 140 -31.43 -2.66 -41.19
CA GLY A 140 -31.59 -3.19 -42.55
C GLY A 140 -32.37 -4.49 -42.53
N PRO A 141 -33.11 -4.78 -43.61
CA PRO A 141 -33.93 -5.98 -43.68
C PRO A 141 -33.09 -7.27 -43.81
N HIS A 142 -31.79 -7.11 -44.08
CA HIS A 142 -30.88 -8.25 -44.16
C HIS A 142 -29.91 -8.33 -42.98
N GLU A 143 -30.06 -7.42 -42.03
CA GLU A 143 -29.15 -7.35 -40.88
C GLU A 143 -29.84 -7.87 -39.62
N SER A 144 -29.10 -8.63 -38.81
CA SER A 144 -29.60 -9.12 -37.52
C SER A 144 -28.93 -8.39 -36.35
N GLY A 145 -28.34 -7.23 -36.65
CA GLY A 145 -27.57 -6.48 -35.65
C GLY A 145 -26.57 -5.57 -36.32
N GLN A 146 -25.74 -4.93 -35.49
CA GLN A 146 -24.77 -3.96 -35.98
C GLN A 146 -23.66 -3.88 -34.96
N CYS A 147 -22.44 -3.66 -35.44
CA CYS A 147 -21.25 -3.52 -34.61
CA CYS A 147 -21.35 -3.39 -34.52
C CYS A 147 -20.50 -2.23 -34.96
N TRP A 148 -19.92 -1.58 -33.95
CA TRP A 148 -19.05 -0.43 -34.15
C TRP A 148 -17.72 -0.75 -33.47
N ASN A 149 -16.65 -0.37 -34.13
CA ASN A 149 -15.32 -0.39 -33.53
C ASN A 149 -15.03 1.00 -33.00
N LEU A 150 -14.62 1.09 -31.74
CA LEU A 150 -14.43 2.38 -31.08
C LEU A 150 -13.39 3.26 -31.78
N LYS A 151 -12.38 2.63 -32.38
CA LYS A 151 -11.40 3.37 -33.18
C LYS A 151 -11.88 3.63 -34.61
N ASP A 152 -12.24 2.57 -35.34
CA ASP A 152 -12.50 2.69 -36.79
C ASP A 152 -13.74 3.55 -37.06
N ASP A 153 -14.69 3.48 -36.12
CA ASP A 153 -15.97 4.16 -36.26
C ASP A 153 -16.11 5.33 -35.28
N SER A 154 -14.99 5.86 -34.79
CA SER A 154 -15.01 6.93 -33.78
C SER A 154 -15.84 8.14 -34.22
N LYS A 155 -15.71 8.55 -35.49
CA LYS A 155 -16.47 9.69 -35.97
C LYS A 155 -17.98 9.45 -35.88
N GLU A 156 -18.45 8.31 -36.39
CA GLU A 156 -19.86 7.94 -36.34
C GLU A 156 -20.38 7.89 -34.89
N ILE A 157 -19.58 7.29 -34.01
CA ILE A 157 -19.97 7.20 -32.60
C ILE A 157 -20.18 8.59 -32.00
N SER A 158 -19.28 9.51 -32.34
CA SER A 158 -19.30 10.85 -31.77
C SER A 158 -20.52 11.62 -32.27
N GLU A 159 -20.84 11.41 -33.55
CA GLU A 159 -22.07 11.90 -34.18
C GLU A 159 -23.33 11.42 -33.47
N LEU A 160 -23.30 10.16 -33.03
CA LEU A 160 -24.47 9.49 -32.46
C LEU A 160 -24.40 9.51 -30.94
N SER A 161 -24.28 10.71 -30.38
CA SER A 161 -23.92 10.86 -28.98
C SER A 161 -24.98 10.27 -28.06
N ASP A 162 -26.26 10.47 -28.39
CA ASP A 162 -27.33 9.85 -27.58
C ASP A 162 -27.26 8.31 -27.61
N GLN A 163 -26.89 7.77 -28.77
CA GLN A 163 -26.83 6.30 -28.95
C GLN A 163 -25.75 5.70 -28.04
N PHE A 164 -24.66 6.43 -27.83
CA PHE A 164 -23.52 5.87 -27.14
C PHE A 164 -23.32 6.35 -25.71
N ALA A 165 -24.00 7.42 -25.35
CA ALA A 165 -24.02 7.88 -23.96
C ALA A 165 -24.33 6.79 -22.94
N PRO A 166 -25.21 5.82 -23.27
CA PRO A 166 -25.47 4.79 -22.25
C PRO A 166 -24.28 3.86 -21.99
N PHE A 167 -23.19 4.01 -22.73
CA PHE A 167 -22.02 3.16 -22.55
C PHE A 167 -20.89 3.89 -21.85
N VAL A 168 -21.17 5.09 -21.36
CA VAL A 168 -20.19 5.79 -20.53
CA VAL A 168 -20.22 5.91 -20.60
C VAL A 168 -20.80 6.13 -19.19
N GLY A 169 -19.94 6.23 -18.18
CA GLY A 169 -20.37 6.62 -16.85
C GLY A 169 -20.82 5.45 -15.98
N ILE A 170 -20.43 4.25 -16.37
CA ILE A 170 -20.80 3.03 -15.66
C ILE A 170 -19.66 2.03 -15.84
N PHE A 171 -19.39 1.27 -14.78
CA PHE A 171 -18.32 0.26 -14.73
C PHE A 171 -16.96 0.81 -15.10
N GLY A 172 -16.75 2.10 -14.85
CA GLY A 172 -15.45 2.71 -15.14
C GLY A 172 -15.23 3.15 -16.57
N SER A 173 -16.24 2.97 -17.42
CA SER A 173 -16.16 3.53 -18.78
C SER A 173 -16.30 5.04 -18.71
N THR A 174 -15.38 5.74 -19.36
CA THR A 174 -15.40 7.21 -19.36
C THR A 174 -15.33 7.74 -20.79
N LYS A 175 -15.47 9.05 -20.97
CA LYS A 175 -15.32 9.59 -22.32
C LYS A 175 -13.99 9.18 -22.94
N GLU A 176 -12.94 9.10 -22.13
CA GLU A 176 -11.63 8.73 -22.66
C GLU A 176 -11.57 7.29 -23.19
N THR A 177 -12.43 6.43 -22.65
CA THR A 177 -12.60 5.08 -23.21
C THR A 177 -12.91 5.12 -24.69
N PHE A 178 -13.76 6.07 -25.07
CA PHE A 178 -14.17 6.19 -26.47
C PHE A 178 -13.17 6.96 -27.29
N ILE A 179 -12.50 7.94 -26.67
CA ILE A 179 -11.46 8.69 -27.38
C ILE A 179 -10.29 7.79 -27.76
N ASN A 180 -9.88 6.93 -26.82
CA ASN A 180 -8.71 6.10 -27.01
C ASN A 180 -9.03 4.71 -27.58
N GLY A 181 -10.20 4.19 -27.25
CA GLY A 181 -10.81 3.11 -28.02
C GLY A 181 -10.78 1.72 -27.40
N ASN A 182 -10.55 1.61 -26.09
CA ASN A 182 -10.58 0.29 -25.46
C ASN A 182 -11.11 0.32 -24.07
N PHE A 183 -12.05 -0.58 -23.80
CA PHE A 183 -12.59 -0.84 -22.48
C PHE A 183 -12.16 -2.23 -22.03
N PRO A 184 -11.32 -2.30 -20.98
CA PRO A 184 -10.71 -3.56 -20.57
C PRO A 184 -11.64 -4.31 -19.62
N GLY A 185 -12.80 -4.66 -20.15
CA GLY A 185 -13.77 -5.48 -19.44
C GLY A 185 -14.92 -5.72 -20.39
N THR A 186 -16.03 -6.21 -19.85
CA THR A 186 -17.21 -6.50 -20.67
C THR A 186 -18.41 -5.95 -19.97
N PHE A 187 -19.27 -5.24 -20.68
CA PHE A 187 -20.62 -5.11 -20.16
C PHE A 187 -21.71 -5.15 -21.19
N PHE A 188 -22.86 -5.56 -20.71
CA PHE A 188 -24.08 -5.62 -21.51
C PHE A 188 -25.01 -4.53 -21.08
N ARG A 189 -25.77 -4.01 -22.04
CA ARG A 189 -26.91 -3.14 -21.72
C ARG A 189 -28.14 -3.78 -22.33
N PHE A 190 -29.14 -4.08 -21.50
CA PHE A 190 -30.39 -4.68 -21.96
C PHE A 190 -31.54 -3.70 -21.69
N PRO A 191 -31.88 -2.88 -22.68
CA PRO A 191 -32.97 -1.92 -22.50
C PRO A 191 -34.25 -2.68 -22.23
N LEU A 192 -34.93 -2.33 -21.15
CA LEU A 192 -36.04 -3.18 -20.73
C LEU A 192 -37.22 -2.95 -21.64
N ARG A 193 -37.91 -4.02 -22.00
CA ARG A 193 -39.05 -3.94 -22.89
C ARG A 193 -40.19 -3.18 -22.23
N LEU A 194 -40.65 -2.11 -22.87
CA LEU A 194 -41.73 -1.31 -22.29
C LEU A 194 -43.03 -1.38 -23.09
N GLN A 195 -42.97 -1.96 -24.29
CA GLN A 195 -44.16 -2.18 -25.09
C GLN A 195 -43.97 -3.52 -25.80
N PRO A 196 -45.10 -4.17 -26.13
CA PRO A 196 -44.98 -5.46 -26.80
C PRO A 196 -44.21 -5.40 -28.10
N SER A 197 -43.51 -6.49 -28.41
CA SER A 197 -42.83 -6.61 -29.68
C SER A 197 -43.16 -7.93 -30.34
N GLN A 198 -42.59 -8.20 -31.51
CA GLN A 198 -42.82 -9.47 -32.16
C GLN A 198 -42.16 -10.62 -31.39
N LEU A 199 -41.18 -10.32 -30.54
CA LEU A 199 -40.53 -11.38 -29.75
C LEU A 199 -41.32 -11.79 -28.52
N SER A 200 -42.00 -10.84 -27.89
CA SER A 200 -42.53 -11.08 -26.55
C SER A 200 -43.54 -10.03 -26.16
N SER A 201 -44.49 -10.46 -25.34
CA SER A 201 -45.44 -9.58 -24.69
C SER A 201 -45.03 -9.15 -23.28
N ASN A 202 -43.91 -9.67 -22.80
CA ASN A 202 -43.53 -9.45 -21.41
C ASN A 202 -42.76 -8.15 -21.27
N LEU A 203 -43.32 -7.27 -20.45
CA LEU A 203 -42.77 -5.94 -20.21
C LEU A 203 -42.06 -5.99 -18.89
N TYR A 204 -40.92 -5.32 -18.83
CA TYR A 204 -40.16 -5.24 -17.60
C TYR A 204 -40.16 -3.81 -17.10
N ASN A 205 -40.46 -3.66 -15.82
CA ASN A 205 -40.29 -2.42 -15.11
C ASN A 205 -39.39 -2.66 -13.93
N LYS A 206 -39.19 -1.65 -13.09
CA LYS A 206 -38.29 -1.77 -11.96
C LYS A 206 -38.70 -2.92 -11.03
N GLN A 207 -40.01 -3.01 -10.72
CA GLN A 207 -40.54 -4.07 -9.87
C GLN A 207 -40.16 -5.46 -10.38
N LYS A 208 -40.32 -5.67 -11.68
CA LYS A 208 -40.08 -6.99 -12.24
C LYS A 208 -38.60 -7.30 -12.30
N VAL A 209 -37.76 -6.28 -12.52
CA VAL A 209 -36.34 -6.50 -12.42
C VAL A 209 -35.91 -6.83 -10.97
N LEU A 210 -36.44 -6.10 -10.01
CA LEU A 210 -36.13 -6.41 -8.61
C LEU A 210 -36.61 -7.84 -8.22
N GLU A 211 -37.70 -8.29 -8.82
CA GLU A 211 -38.13 -9.69 -8.67
C GLU A 211 -37.09 -10.69 -9.16
N LEU A 212 -36.47 -10.39 -10.31
CA LEU A 212 -35.32 -11.19 -10.77
C LEU A 212 -34.20 -11.17 -9.75
N PHE A 213 -33.92 -10.00 -9.18
CA PHE A 213 -32.82 -9.87 -8.24
C PHE A 213 -33.14 -10.72 -6.99
N GLU A 214 -34.37 -10.61 -6.49
CA GLU A 214 -34.78 -11.38 -5.32
CA GLU A 214 -34.91 -11.39 -5.35
C GLU A 214 -34.73 -12.89 -5.59
N SER A 215 -35.09 -13.33 -6.78
CA SER A 215 -35.02 -14.75 -7.13
C SER A 215 -33.58 -15.26 -7.22
N PHE A 216 -32.70 -14.45 -7.79
CA PHE A 216 -31.28 -14.78 -7.78
C PHE A 216 -30.71 -14.82 -6.36
N ARG A 217 -31.12 -13.87 -5.53
CA ARG A 217 -30.64 -13.78 -4.15
C ARG A 217 -30.89 -15.10 -3.42
N ALA A 218 -32.09 -15.65 -3.62
CA ALA A 218 -32.46 -16.96 -3.06
C ALA A 218 -31.51 -18.08 -3.49
N ASP A 219 -31.07 -18.04 -4.75
CA ASP A 219 -30.30 -19.12 -5.36
C ASP A 219 -28.80 -18.87 -5.41
N ALA A 220 -28.36 -17.69 -4.96
CA ALA A 220 -27.00 -17.22 -5.23
C ALA A 220 -25.91 -18.16 -4.69
N ASP A 221 -26.08 -18.65 -3.45
CA ASP A 221 -25.11 -19.58 -2.88
C ASP A 221 -24.99 -20.85 -3.71
N THR A 222 -26.11 -21.29 -4.25
CA THR A 222 -26.14 -22.50 -5.10
C THR A 222 -25.47 -22.25 -6.45
N VAL A 223 -25.74 -21.10 -7.04
CA VAL A 223 -25.08 -20.70 -8.29
C VAL A 223 -23.55 -20.70 -8.13
N LEU A 224 -23.06 -19.99 -7.11
CA LEU A 224 -21.62 -19.83 -6.91
C LEU A 224 -20.96 -21.12 -6.46
N LEU A 225 -21.76 -22.10 -6.02
CA LEU A 225 -21.26 -23.34 -5.44
C LEU A 225 -20.21 -24.02 -6.32
N PHE A 226 -20.48 -24.07 -7.62
CA PHE A 226 -19.67 -24.87 -8.53
C PHE A 226 -18.74 -24.02 -9.38
N LEU A 227 -18.68 -22.73 -9.07
CA LEU A 227 -17.83 -21.81 -9.81
C LEU A 227 -16.46 -21.74 -9.17
N LYS A 228 -15.42 -21.60 -9.99
CA LYS A 228 -14.06 -21.52 -9.46
C LYS A 228 -13.36 -20.22 -9.84
N SER A 229 -13.93 -19.50 -10.80
CA SER A 229 -13.36 -18.22 -11.19
C SER A 229 -14.17 -17.04 -10.67
N VAL A 230 -15.46 -17.01 -10.99
CA VAL A 230 -16.34 -16.00 -10.44
C VAL A 230 -16.53 -16.21 -8.94
N GLN A 231 -16.11 -15.22 -8.16
CA GLN A 231 -16.17 -15.30 -6.70
C GLN A 231 -17.00 -14.20 -6.06
N ASP A 232 -17.61 -13.31 -6.85
CA ASP A 232 -18.23 -12.09 -6.32
C ASP A 232 -19.32 -11.72 -7.30
N VAL A 233 -20.57 -11.65 -6.83
CA VAL A 233 -21.67 -11.15 -7.65
C VAL A 233 -22.40 -10.09 -6.85
N SER A 234 -22.59 -8.93 -7.46
CA SER A 234 -23.28 -7.83 -6.78
C SER A 234 -24.39 -7.27 -7.64
N LEU A 235 -25.46 -6.78 -6.99
CA LEU A 235 -26.62 -6.26 -7.70
C LEU A 235 -26.91 -4.87 -7.19
N TYR A 236 -27.16 -3.92 -8.11
CA TYR A 236 -27.35 -2.51 -7.79
C TYR A 236 -28.55 -1.94 -8.49
N VAL A 237 -29.05 -0.83 -7.95
CA VAL A 237 -29.96 0.05 -8.66
C VAL A 237 -29.31 1.41 -8.78
N ARG A 238 -29.34 1.99 -9.98
CA ARG A 238 -29.00 3.39 -10.12
C ARG A 238 -30.27 4.15 -10.36
N GLU A 239 -30.63 5.02 -9.42
CA GLU A 239 -31.89 5.76 -9.47
C GLU A 239 -31.84 6.92 -10.48
N ALA A 240 -32.99 7.52 -10.75
CA ALA A 240 -33.06 8.58 -11.75
C ALA A 240 -32.15 9.78 -11.43
N ASP A 241 -31.99 10.07 -10.14
CA ASP A 241 -31.12 11.17 -9.68
C ASP A 241 -29.64 10.78 -9.60
N GLY A 242 -29.36 9.52 -9.93
CA GLY A 242 -27.98 9.03 -10.04
C GLY A 242 -27.49 8.33 -8.78
N THR A 243 -28.27 8.39 -7.71
CA THR A 243 -28.00 7.66 -6.45
C THR A 243 -27.93 6.16 -6.72
N GLU A 244 -26.93 5.48 -6.16
CA GLU A 244 -26.85 4.03 -6.32
C GLU A 244 -27.08 3.29 -5.02
N LYS A 245 -27.90 2.24 -5.11
CA LYS A 245 -28.25 1.41 -3.97
C LYS A 245 -27.72 0.02 -4.20
N LEU A 246 -27.03 -0.53 -3.19
CA LEU A 246 -26.65 -1.93 -3.20
C LEU A 246 -27.86 -2.77 -2.81
N VAL A 247 -28.25 -3.68 -3.69
CA VAL A 247 -29.38 -4.57 -3.42
C VAL A 247 -28.89 -5.81 -2.68
N PHE A 248 -27.82 -6.42 -3.18
CA PHE A 248 -27.31 -7.68 -2.66
C PHE A 248 -25.89 -7.84 -3.14
N ARG A 249 -25.04 -8.43 -2.30
CA ARG A 249 -23.74 -8.92 -2.78
C ARG A 249 -23.45 -10.27 -2.14
N VAL A 250 -22.94 -11.20 -2.96
CA VAL A 250 -22.57 -12.54 -2.50
C VAL A 250 -21.15 -12.83 -2.94
N THR A 251 -20.37 -13.40 -2.05
CA THR A 251 -19.04 -13.84 -2.41
C THR A 251 -18.88 -15.31 -2.05
N SER A 252 -17.95 -15.97 -2.73
CA SER A 252 -17.62 -17.34 -2.38
C SER A 252 -16.31 -17.39 -1.61
N SER B 5 26.94 -16.80 -18.64
CA SER B 5 27.50 -17.86 -17.74
C SER B 5 26.38 -18.60 -17.02
N PHE B 6 26.68 -19.83 -16.62
CA PHE B 6 25.81 -20.61 -15.76
C PHE B 6 26.53 -20.83 -14.43
N GLY B 7 25.82 -20.64 -13.33
CA GLY B 7 26.41 -20.86 -12.02
C GLY B 7 25.40 -20.70 -10.92
N GLN B 8 25.88 -20.47 -9.71
CA GLN B 8 25.04 -19.90 -8.67
C GLN B 8 25.63 -18.59 -8.18
N THR B 9 24.77 -17.62 -7.91
CA THR B 9 25.17 -16.32 -7.38
C THR B 9 25.44 -16.45 -5.89
N THR B 10 26.58 -15.92 -5.45
CA THR B 10 26.89 -15.85 -4.02
C THR B 10 25.99 -14.80 -3.38
N PRO B 11 25.25 -15.20 -2.32
CA PRO B 11 24.38 -14.25 -1.63
C PRO B 11 25.19 -13.15 -0.92
N PRO B 12 24.52 -12.06 -0.54
CA PRO B 12 25.18 -10.99 0.22
C PRO B 12 25.67 -11.46 1.58
N LEU B 13 26.72 -10.81 2.09
CA LEU B 13 27.21 -11.06 3.46
C LEU B 13 26.11 -11.18 4.50
N VAL B 14 25.12 -10.29 4.44
CA VAL B 14 24.07 -10.23 5.47
C VAL B 14 23.24 -11.50 5.58
N ASP B 15 23.11 -12.23 4.46
CA ASP B 15 22.43 -13.51 4.49
C ASP B 15 23.21 -14.55 5.28
N PHE B 16 24.53 -14.50 5.20
CA PHE B 16 25.37 -15.38 6.01
C PHE B 16 25.19 -15.08 7.49
N LEU B 17 25.24 -13.79 7.82
CA LEU B 17 25.10 -13.34 9.21
C LEU B 17 23.70 -13.59 9.77
N LYS B 18 22.68 -13.40 8.94
CA LYS B 18 21.29 -13.69 9.34
C LYS B 18 21.13 -15.15 9.80
N ASP B 19 21.80 -16.08 9.12
CA ASP B 19 21.77 -17.47 9.51
C ASP B 19 22.46 -17.74 10.85
N ILE B 20 23.60 -17.10 11.08
CA ILE B 20 24.26 -17.15 12.38
C ILE B 20 23.33 -16.68 13.52
N LEU B 21 22.59 -15.60 13.25
CA LEU B 21 21.65 -15.05 14.24
C LEU B 21 20.51 -16.01 14.54
N ARG B 22 20.09 -16.76 13.53
CA ARG B 22 19.02 -17.73 13.67
C ARG B 22 19.51 -18.95 14.45
N ARG B 23 20.69 -19.44 14.07
CA ARG B 23 21.39 -20.50 14.80
C ARG B 23 21.68 -20.13 16.25
N TYR B 24 21.94 -18.84 16.50
CA TYR B 24 22.30 -18.37 17.84
C TYR B 24 21.46 -17.17 18.32
N PRO B 25 20.25 -17.44 18.84
CA PRO B 25 19.29 -16.39 19.24
C PRO B 25 19.77 -15.54 20.41
N GLU B 26 19.02 -14.48 20.71
CA GLU B 26 19.50 -13.40 21.56
C GLU B 26 19.16 -13.60 23.03
N GLY B 27 19.79 -12.79 23.89
CA GLY B 27 19.55 -12.86 25.33
C GLY B 27 20.81 -12.51 26.10
N GLY B 28 20.85 -12.91 27.37
CA GLY B 28 21.97 -12.64 28.26
C GLY B 28 23.33 -13.07 27.72
N GLN B 29 23.32 -14.11 26.89
CA GLN B 29 24.48 -14.57 26.10
C GLN B 29 25.30 -13.43 25.52
N ILE B 30 24.62 -12.40 25.02
CA ILE B 30 25.27 -11.29 24.32
C ILE B 30 26.23 -10.55 25.25
N LEU B 31 25.78 -10.23 26.47
CA LEU B 31 26.67 -9.54 27.41
C LEU B 31 27.83 -10.46 27.83
N LYS B 32 27.51 -11.74 28.03
CA LYS B 32 28.56 -12.72 28.32
C LYS B 32 29.67 -12.81 27.26
N GLU B 33 29.31 -12.74 25.98
CA GLU B 33 30.31 -12.83 24.91
C GLU B 33 31.34 -11.69 24.97
N LEU B 34 30.80 -10.50 25.24
CA LEU B 34 31.61 -9.31 25.41
C LEU B 34 32.50 -9.36 26.66
N ILE B 35 31.97 -9.93 27.73
CA ILE B 35 32.79 -10.19 28.91
C ILE B 35 33.95 -11.17 28.66
N GLN B 36 33.66 -12.26 27.95
CA GLN B 36 34.68 -13.22 27.56
C GLN B 36 35.78 -12.59 26.72
N ASN B 37 35.35 -11.75 25.79
CA ASN B 37 36.28 -10.98 24.98
CA ASN B 37 36.23 -10.92 24.97
C ASN B 37 37.24 -10.14 25.81
N ALA B 38 36.71 -9.44 26.81
CA ALA B 38 37.54 -8.66 27.72
C ALA B 38 38.49 -9.55 28.52
N GLU B 39 37.99 -10.69 29.02
CA GLU B 39 38.80 -11.65 29.76
C GLU B 39 39.99 -12.12 28.92
N ASP B 40 39.73 -12.43 27.65
CA ASP B 40 40.76 -12.95 26.74
C ASP B 40 41.84 -11.90 26.51
N ALA B 41 41.40 -10.64 26.55
CA ALA B 41 42.30 -9.49 26.37
C ALA B 41 43.05 -9.08 27.65
N GLY B 42 42.79 -9.76 28.76
CA GLY B 42 43.43 -9.44 30.05
C GLY B 42 42.88 -8.18 30.71
N ALA B 43 41.69 -7.76 30.30
CA ALA B 43 41.00 -6.66 30.99
C ALA B 43 40.66 -7.05 32.40
N THR B 44 40.60 -6.07 33.30
CA THR B 44 40.16 -6.34 34.67
C THR B 44 38.78 -5.78 34.97
N GLU B 45 38.25 -4.93 34.10
CA GLU B 45 36.90 -4.42 34.28
C GLU B 45 36.17 -4.32 32.96
N VAL B 46 34.85 -4.44 33.05
CA VAL B 46 33.95 -4.28 31.91
C VAL B 46 32.80 -3.41 32.37
N LYS B 47 32.44 -2.43 31.56
CA LYS B 47 31.30 -1.55 31.85
CA LYS B 47 31.31 -1.54 31.86
C LYS B 47 30.35 -1.54 30.67
N PHE B 48 29.09 -1.83 30.94
CA PHE B 48 28.02 -1.71 29.95
C PHE B 48 27.27 -0.43 30.24
N LEU B 49 26.95 0.32 29.20
CA LEU B 49 26.27 1.60 29.43
C LEU B 49 25.24 1.81 28.35
N TYR B 50 23.99 1.88 28.78
CA TYR B 50 22.93 2.22 27.86
C TYR B 50 22.81 3.74 27.83
N ASP B 51 23.04 4.32 26.65
CA ASP B 51 23.07 5.78 26.49
C ASP B 51 21.88 6.23 25.67
N GLU B 52 21.05 7.11 26.22
CA GLU B 52 19.89 7.62 25.46
C GLU B 52 20.18 8.86 24.61
N THR B 53 21.44 9.28 24.60
CA THR B 53 21.82 10.49 23.87
C THR B 53 21.54 10.36 22.36
N GLN B 54 20.88 11.37 21.80
CA GLN B 54 20.77 11.53 20.35
C GLN B 54 21.85 12.48 19.84
N TYR B 55 22.70 12.00 18.95
CA TYR B 55 23.74 12.84 18.34
C TYR B 55 23.25 13.50 17.05
N GLY B 56 24.00 14.50 16.57
CA GLY B 56 23.63 15.21 15.35
C GLY B 56 23.57 14.31 14.13
N THR B 57 22.84 14.73 13.10
CA THR B 57 22.87 14.01 11.83
C THR B 57 23.36 14.85 10.65
N GLU B 58 24.07 15.94 10.95
CA GLU B 58 24.56 16.84 9.90
C GLU B 58 25.90 16.38 9.34
N THR B 59 26.94 16.35 10.17
CA THR B 59 28.29 16.09 9.68
C THR B 59 28.64 14.61 9.76
N LEU B 60 28.03 13.84 8.86
CA LEU B 60 28.15 12.38 8.83
C LEU B 60 28.84 11.99 7.54
N TRP B 61 29.35 10.75 7.50
CA TRP B 61 29.92 10.18 6.27
C TRP B 61 28.96 10.33 5.08
N SER B 62 27.70 10.00 5.31
CA SER B 62 26.60 10.24 4.38
C SER B 62 25.31 10.38 5.17
N LYS B 63 24.24 10.84 4.50
CA LYS B 63 22.92 10.80 5.14
C LYS B 63 22.46 9.39 5.56
N ASP B 64 23.03 8.34 4.96
CA ASP B 64 22.61 6.97 5.25
C ASP B 64 23.08 6.57 6.66
N MSE B 65 23.88 7.43 7.26
CA MSE B 65 24.44 7.20 8.59
C MSE B 65 23.50 7.59 9.69
O MSE B 65 23.68 7.21 10.85
CB MSE B 65 25.70 8.07 8.60
CG MSE B 65 26.66 7.78 9.73
SE MSE B 65 27.26 5.90 9.74
CE MSE B 65 27.53 5.64 7.80
N ALA B 66 22.45 8.35 9.35
CA ALA B 66 21.58 8.95 10.36
C ALA B 66 20.86 7.95 11.31
N PRO B 67 20.42 6.77 10.80
CA PRO B 67 19.77 5.82 11.74
C PRO B 67 20.65 5.30 12.87
N TYR B 68 21.93 5.68 12.87
CA TYR B 68 22.91 5.09 13.81
C TYR B 68 23.43 6.13 14.77
N GLN B 69 22.79 7.30 14.77
CA GLN B 69 23.23 8.41 15.60
C GLN B 69 22.53 8.49 16.95
N GLY B 70 21.61 7.57 17.20
CA GLY B 70 20.73 7.67 18.37
C GLY B 70 21.20 6.81 19.53
N PRO B 71 20.27 6.44 20.42
CA PRO B 71 20.60 5.66 21.61
C PRO B 71 21.37 4.37 21.30
N ALA B 72 22.30 4.04 22.18
CA ALA B 72 23.21 2.93 21.91
C ALA B 72 23.53 2.20 23.19
N LEU B 73 23.85 0.92 23.05
CA LEU B 73 24.58 0.23 24.11
C LEU B 73 26.06 0.39 23.88
N TYR B 74 26.74 0.93 24.89
CA TYR B 74 28.20 0.99 24.89
C TYR B 74 28.76 -0.08 25.78
N VAL B 75 29.94 -0.55 25.43
CA VAL B 75 30.64 -1.53 26.26
C VAL B 75 32.10 -1.15 26.31
N TYR B 76 32.60 -0.93 27.53
CA TYR B 76 33.99 -0.57 27.76
C TYR B 76 34.73 -1.70 28.43
N ASN B 77 35.98 -1.90 28.05
CA ASN B 77 36.90 -2.62 28.95
C ASN B 77 38.25 -1.93 28.98
N ASN B 78 39.06 -2.26 29.96
CA ASN B 78 40.33 -1.55 30.16
C ASN B 78 41.53 -2.29 29.57
N ALA B 79 41.29 -3.08 28.55
CA ALA B 79 42.35 -3.56 27.67
C ALA B 79 42.37 -2.76 26.38
N VAL B 80 43.42 -2.96 25.59
CA VAL B 80 43.64 -2.21 24.35
C VAL B 80 43.86 -3.23 23.23
N PHE B 81 43.16 -3.07 22.11
CA PHE B 81 43.32 -3.96 20.95
C PHE B 81 44.76 -3.96 20.43
N THR B 82 45.29 -5.16 20.21
CA THR B 82 46.51 -5.32 19.43
C THR B 82 46.15 -5.34 17.94
N PRO B 83 47.14 -5.20 17.04
CA PRO B 83 46.82 -5.36 15.62
C PRO B 83 46.14 -6.69 15.30
N GLU B 84 46.49 -7.76 16.01
CA GLU B 84 45.85 -9.05 15.81
C GLU B 84 44.37 -9.03 16.23
N ASP B 85 44.05 -8.31 17.30
CA ASP B 85 42.66 -8.09 17.70
C ASP B 85 41.84 -7.38 16.63
N TRP B 86 42.42 -6.36 16.01
CA TRP B 86 41.73 -5.67 14.93
C TRP B 86 41.50 -6.57 13.73
N HIS B 87 42.48 -7.43 13.46
CA HIS B 87 42.34 -8.41 12.41
C HIS B 87 41.23 -9.40 12.76
N GLY B 88 41.24 -9.85 14.01
CA GLY B 88 40.31 -10.87 14.49
C GLY B 88 38.86 -10.44 14.48
N ILE B 89 38.63 -9.17 14.82
CA ILE B 89 37.25 -8.66 14.90
C ILE B 89 36.59 -8.61 13.53
N GLN B 90 37.39 -8.55 12.47
CA GLN B 90 36.86 -8.57 11.11
C GLN B 90 36.62 -10.00 10.63
N GLU B 91 36.93 -10.95 11.50
CA GLU B 91 36.79 -12.39 11.31
C GLU B 91 37.76 -12.95 10.28
N ILE B 109 32.78 -16.94 16.65
CA ILE B 109 31.47 -16.79 15.98
C ILE B 109 30.48 -15.99 16.84
N GLY B 110 30.65 -16.06 18.16
CA GLY B 110 29.71 -15.48 19.11
C GLY B 110 29.64 -13.96 19.10
N PHE B 111 30.66 -13.27 18.58
CA PHE B 111 30.66 -11.79 18.56
C PHE B 111 29.66 -11.25 17.55
N ASN B 112 29.43 -12.02 16.48
CA ASN B 112 28.29 -11.79 15.60
C ASN B 112 26.95 -11.62 16.32
N SER B 113 26.84 -12.04 17.57
CA SER B 113 25.61 -11.86 18.32
C SER B 113 25.29 -10.39 18.61
N VAL B 114 26.28 -9.50 18.47
CA VAL B 114 26.01 -8.06 18.57
C VAL B 114 25.01 -7.59 17.52
N TYR B 115 24.92 -8.32 16.41
CA TYR B 115 23.98 -7.94 15.36
C TYR B 115 22.53 -8.16 15.76
N HIS B 116 22.29 -8.89 16.85
CA HIS B 116 20.96 -8.89 17.42
C HIS B 116 20.51 -7.49 17.82
N ILE B 117 21.46 -6.62 18.16
CA ILE B 117 21.16 -5.33 18.77
C ILE B 117 21.32 -4.19 17.78
N THR B 118 22.23 -4.35 16.82
CA THR B 118 22.67 -3.25 15.96
C THR B 118 23.02 -3.74 14.56
N ASP B 119 22.81 -2.88 13.57
CA ASP B 119 23.33 -3.13 12.23
C ASP B 119 24.74 -2.61 12.00
N VAL B 120 25.22 -1.74 12.90
CA VAL B 120 26.49 -1.03 12.63
C VAL B 120 27.29 -0.97 13.94
N PRO B 121 27.93 -2.10 14.32
CA PRO B 121 28.78 -2.06 15.53
C PRO B 121 30.02 -1.23 15.29
N CYS B 122 30.39 -0.44 16.29
CA CYS B 122 31.56 0.42 16.22
C CYS B 122 32.53 0.06 17.32
N ILE B 123 33.81 0.18 17.00
CA ILE B 123 34.89 -0.20 17.92
C ILE B 123 35.90 0.93 17.97
N PHE B 124 36.22 1.37 19.18
CA PHE B 124 37.23 2.40 19.40
C PHE B 124 38.28 1.84 20.35
N SER B 125 39.52 1.72 19.90
CA SER B 125 40.55 1.24 20.82
C SER B 125 41.86 1.81 20.38
N GLY B 126 42.62 2.38 21.30
CA GLY B 126 43.91 2.94 20.93
C GLY B 126 43.77 4.09 19.95
N ASP B 127 44.44 3.96 18.81
CA ASP B 127 44.45 5.01 17.81
C ASP B 127 43.45 4.81 16.67
N GLN B 128 42.50 3.89 16.83
CA GLN B 128 41.66 3.52 15.69
C GLN B 128 40.19 3.43 16.07
N ILE B 129 39.33 3.93 15.19
CA ILE B 129 37.90 3.64 15.24
C ILE B 129 37.48 2.87 14.01
N GLY B 130 36.77 1.77 14.21
CA GLY B 130 36.25 0.97 13.10
C GLY B 130 34.75 0.82 13.21
N MSE B 131 34.08 0.81 12.07
CA MSE B 131 32.63 0.54 12.01
C MSE B 131 32.42 -0.59 11.05
O MSE B 131 32.98 -0.62 9.96
CB MSE B 131 31.90 1.78 11.50
CG MSE B 131 32.12 2.97 12.42
SE MSE B 131 31.03 4.50 11.82
CE MSE B 131 31.63 5.59 13.33
N LEU B 132 31.60 -1.56 11.46
CA LEU B 132 31.23 -2.66 10.58
C LEU B 132 29.88 -2.40 9.95
N ASP B 133 29.80 -2.55 8.64
CA ASP B 133 28.54 -2.41 7.92
C ASP B 133 28.31 -3.63 7.02
N PRO B 134 27.79 -4.73 7.59
CA PRO B 134 27.60 -5.95 6.78
C PRO B 134 26.66 -5.77 5.59
N HIS B 135 25.75 -4.79 5.65
CA HIS B 135 24.87 -4.52 4.50
C HIS B 135 25.57 -3.92 3.29
N GLN B 136 26.77 -3.40 3.50
CA GLN B 136 27.56 -2.79 2.43
C GLN B 136 26.79 -1.71 1.67
N THR B 137 26.18 -0.79 2.41
CA THR B 137 25.51 0.38 1.81
C THR B 137 26.22 1.68 2.17
N LEU B 138 26.86 1.71 3.34
CA LEU B 138 27.19 2.96 4.00
C LEU B 138 28.47 3.59 3.45
N PHE B 139 29.43 2.75 3.06
CA PHE B 139 30.77 3.21 2.69
C PHE B 139 31.06 2.87 1.23
N GLY B 140 29.98 2.71 0.46
CA GLY B 140 30.08 2.51 -0.98
C GLY B 140 30.57 1.12 -1.34
N PRO B 141 30.91 0.93 -2.63
CA PRO B 141 30.55 -0.34 -3.26
C PRO B 141 31.36 -1.48 -2.65
N HIS B 142 30.65 -2.50 -2.16
CA HIS B 142 31.27 -3.71 -1.59
C HIS B 142 32.33 -3.40 -0.52
N GLU B 143 32.20 -2.25 0.14
CA GLU B 143 32.86 -2.08 1.44
C GLU B 143 31.93 -2.54 2.54
N SER B 144 32.46 -3.30 3.49
CA SER B 144 31.63 -3.84 4.58
C SER B 144 31.98 -3.18 5.90
N GLY B 145 32.51 -1.97 5.82
CA GLY B 145 32.91 -1.24 7.02
C GLY B 145 33.91 -0.17 6.64
N GLN B 146 34.44 0.51 7.65
CA GLN B 146 35.42 1.56 7.43
C GLN B 146 36.16 1.80 8.71
N CYS B 147 37.42 2.23 8.62
CA CYS B 147 38.12 2.64 9.82
C CYS B 147 38.91 3.92 9.62
N TRP B 148 39.20 4.56 10.74
CA TRP B 148 39.88 5.85 10.80
C TRP B 148 40.93 5.76 11.85
N ASN B 149 42.09 6.31 11.53
CA ASN B 149 43.15 6.44 12.48
C ASN B 149 43.11 7.84 13.06
N LEU B 150 43.20 7.96 14.39
CA LEU B 150 43.01 9.24 15.06
C LEU B 150 44.13 10.23 14.71
N LYS B 151 45.30 9.70 14.37
CA LYS B 151 46.39 10.58 13.88
C LYS B 151 46.28 10.86 12.38
N ASP B 152 46.31 9.80 11.57
CA ASP B 152 46.36 9.94 10.12
C ASP B 152 45.12 10.62 9.54
N ASP B 153 43.98 10.44 10.21
CA ASP B 153 42.70 10.84 9.66
C ASP B 153 42.04 11.92 10.52
N SER B 154 42.86 12.68 11.25
CA SER B 154 42.30 13.71 12.14
C SER B 154 41.43 14.75 11.45
N LYS B 155 41.81 15.17 10.24
CA LYS B 155 41.00 16.15 9.50
C LYS B 155 39.63 15.58 9.10
N GLU B 156 39.62 14.35 8.60
CA GLU B 156 38.37 13.70 8.24
C GLU B 156 37.47 13.55 9.45
N ILE B 157 38.05 13.19 10.59
CA ILE B 157 37.27 13.04 11.82
C ILE B 157 36.59 14.36 12.18
N SER B 158 37.32 15.45 12.05
CA SER B 158 36.75 16.79 12.29
C SER B 158 35.65 17.17 11.28
N GLU B 159 35.86 16.86 10.02
CA GLU B 159 34.87 17.08 8.96
C GLU B 159 33.60 16.26 9.16
N LEU B 160 33.71 15.21 9.97
CA LEU B 160 32.60 14.34 10.26
C LEU B 160 32.28 14.43 11.74
N SER B 161 32.18 15.65 12.28
CA SER B 161 32.20 15.80 13.73
C SER B 161 30.98 15.13 14.39
N ASP B 162 29.81 15.17 13.74
CA ASP B 162 28.64 14.50 14.31
C ASP B 162 28.87 13.00 14.37
N GLN B 163 29.56 12.47 13.37
CA GLN B 163 29.89 11.04 13.27
C GLN B 163 30.75 10.58 14.44
N PHE B 164 31.64 11.45 14.91
CA PHE B 164 32.60 11.04 15.92
C PHE B 164 32.30 11.55 17.32
N ALA B 165 31.35 12.49 17.42
CA ALA B 165 30.84 12.91 18.73
C ALA B 165 30.42 11.77 19.69
N PRO B 166 29.84 10.67 19.16
CA PRO B 166 29.46 9.59 20.08
C PRO B 166 30.64 8.88 20.73
N PHE B 167 31.86 9.23 20.34
CA PHE B 167 33.06 8.58 20.86
C PHE B 167 33.84 9.45 21.83
N VAL B 168 33.25 10.60 22.17
CA VAL B 168 33.81 11.51 23.16
C VAL B 168 32.80 11.72 24.28
N GLY B 169 33.31 11.92 25.48
CA GLY B 169 32.45 12.31 26.59
C GLY B 169 31.95 11.12 27.35
N ILE B 170 32.59 9.97 27.12
CA ILE B 170 32.19 8.72 27.72
C ILE B 170 33.46 7.90 27.98
N PHE B 171 33.46 7.18 29.10
CA PHE B 171 34.58 6.29 29.48
C PHE B 171 35.94 6.99 29.54
N GLY B 172 35.93 8.28 29.85
CA GLY B 172 37.18 9.03 29.93
C GLY B 172 37.73 9.50 28.60
N SER B 173 37.00 9.27 27.51
CA SER B 173 37.37 9.86 26.22
C SER B 173 37.01 11.34 26.22
N THR B 174 37.98 12.17 25.82
CA THR B 174 37.83 13.63 25.84
C THR B 174 38.34 14.21 24.53
N LYS B 175 38.19 15.52 24.38
CA LYS B 175 38.92 16.22 23.33
C LYS B 175 40.41 15.83 23.28
N GLU B 176 41.06 15.77 24.45
CA GLU B 176 42.47 15.37 24.52
C GLU B 176 42.79 13.99 23.92
N THR B 177 41.83 13.06 24.05
CA THR B 177 41.97 11.76 23.45
C THR B 177 42.25 11.89 21.95
N PHE B 178 41.52 12.81 21.31
CA PHE B 178 41.64 12.94 19.88
C PHE B 178 42.84 13.80 19.46
N ILE B 179 43.24 14.72 20.33
CA ILE B 179 44.49 15.48 20.14
C ILE B 179 45.75 14.62 20.35
N ASN B 180 45.76 13.80 21.41
CA ASN B 180 46.82 12.79 21.62
C ASN B 180 46.83 11.68 20.57
N GLY B 181 45.65 11.41 20.01
CA GLY B 181 45.46 10.33 19.06
C GLY B 181 45.47 8.94 19.66
N ASN B 182 45.04 8.82 20.91
CA ASN B 182 44.99 7.51 21.54
C ASN B 182 43.97 7.42 22.67
N PHE B 183 43.10 6.41 22.62
CA PHE B 183 42.26 6.06 23.76
C PHE B 183 42.83 4.81 24.42
N PRO B 184 43.28 4.95 25.69
CA PRO B 184 43.96 3.84 26.35
C PRO B 184 42.94 2.87 26.98
N GLY B 185 42.26 2.13 26.11
CA GLY B 185 41.15 1.27 26.50
C GLY B 185 40.46 0.79 25.25
N THR B 186 39.32 0.17 25.45
CA THR B 186 38.47 -0.29 24.37
C THR B 186 37.06 0.11 24.69
N PHE B 187 36.35 0.67 23.73
CA PHE B 187 34.92 0.62 23.86
C PHE B 187 34.19 0.45 22.57
N PHE B 188 33.06 -0.21 22.70
CA PHE B 188 32.18 -0.49 21.59
C PHE B 188 30.99 0.44 21.72
N ARG B 189 30.47 0.85 20.57
CA ARG B 189 29.18 1.52 20.51
C ARG B 189 28.28 0.72 19.58
N PHE B 190 27.14 0.27 20.11
CA PHE B 190 26.16 -0.50 19.34
C PHE B 190 24.86 0.32 19.24
N PRO B 191 24.73 1.14 18.17
CA PRO B 191 23.48 1.91 18.03
C PRO B 191 22.27 0.98 17.94
N LEU B 192 21.29 1.18 18.82
CA LEU B 192 20.16 0.25 18.87
C LEU B 192 19.40 0.27 17.57
N ARG B 193 19.05 -0.91 17.07
CA ARG B 193 18.27 -0.98 15.85
C ARG B 193 16.88 -0.40 16.04
N LEU B 194 16.56 0.65 15.29
CA LEU B 194 15.24 1.28 15.38
C LEU B 194 14.41 1.09 14.14
N GLN B 195 14.98 0.44 13.14
CA GLN B 195 14.26 0.13 11.91
C GLN B 195 14.70 -1.24 11.44
N PRO B 196 13.78 -2.03 10.85
CA PRO B 196 14.17 -3.36 10.37
C PRO B 196 15.23 -3.25 9.28
N SER B 197 16.08 -4.27 9.20
CA SER B 197 17.06 -4.35 8.15
C SER B 197 17.00 -5.74 7.54
N GLN B 198 17.80 -5.97 6.50
CA GLN B 198 17.84 -7.28 5.88
C GLN B 198 18.42 -8.30 6.86
N LEU B 199 19.31 -7.82 7.72
CA LEU B 199 19.91 -8.63 8.77
C LEU B 199 18.94 -9.07 9.86
N SER B 200 18.06 -8.17 10.32
CA SER B 200 17.19 -8.46 11.45
C SER B 200 15.99 -7.51 11.49
N SER B 201 14.81 -8.06 11.79
CA SER B 201 13.63 -7.25 12.12
C SER B 201 13.52 -6.96 13.62
N ASN B 202 14.53 -7.37 14.39
CA ASN B 202 14.51 -7.26 15.84
C ASN B 202 14.90 -5.85 16.28
N LEU B 203 13.90 -5.07 16.68
CA LEU B 203 14.15 -3.69 17.04
C LEU B 203 14.54 -3.63 18.50
N TYR B 204 15.50 -2.76 18.81
CA TYR B 204 15.84 -2.54 20.20
C TYR B 204 15.34 -1.21 20.72
N ASN B 205 15.08 -1.18 22.02
CA ASN B 205 14.57 0.00 22.69
C ASN B 205 14.99 -0.06 24.16
N LYS B 206 14.63 0.98 24.91
CA LYS B 206 14.98 1.11 26.33
C LYS B 206 14.61 -0.15 27.11
N GLN B 207 13.36 -0.59 26.96
CA GLN B 207 12.82 -1.70 27.72
C GLN B 207 13.60 -2.99 27.42
N LYS B 208 13.90 -3.21 26.15
CA LYS B 208 14.66 -4.37 25.71
C LYS B 208 16.09 -4.39 26.25
N VAL B 209 16.74 -3.24 26.28
CA VAL B 209 18.09 -3.16 26.84
C VAL B 209 18.04 -3.44 28.34
N LEU B 210 17.06 -2.86 29.01
CA LEU B 210 16.93 -3.06 30.44
C LEU B 210 16.63 -4.53 30.75
N GLU B 211 15.89 -5.16 29.86
CA GLU B 211 15.61 -6.59 29.98
C GLU B 211 16.87 -7.46 29.74
N LEU B 212 17.75 -7.06 28.82
CA LEU B 212 19.06 -7.69 28.73
C LEU B 212 19.91 -7.55 30.00
N PHE B 213 19.88 -6.35 30.59
CA PHE B 213 20.59 -6.07 31.83
C PHE B 213 20.07 -6.96 32.96
N GLU B 214 18.75 -7.16 32.99
CA GLU B 214 18.08 -7.99 33.99
C GLU B 214 18.46 -9.48 33.84
N SER B 215 18.58 -9.93 32.58
CA SER B 215 19.07 -11.27 32.26
C SER B 215 20.47 -11.54 32.79
N PHE B 216 21.39 -10.60 32.55
CA PHE B 216 22.75 -10.75 33.02
C PHE B 216 22.79 -10.74 34.55
N ARG B 217 22.05 -9.81 35.15
CA ARG B 217 21.94 -9.69 36.60
C ARG B 217 21.60 -11.04 37.24
N ALA B 218 20.66 -11.75 36.61
CA ALA B 218 20.20 -13.05 37.10
C ALA B 218 21.31 -14.11 37.10
N ASP B 219 22.26 -13.98 36.17
CA ASP B 219 23.28 -15.01 35.99
C ASP B 219 24.69 -14.56 36.37
N ALA B 220 24.79 -13.41 37.03
CA ALA B 220 26.04 -12.65 37.05
C ALA B 220 27.15 -13.37 37.80
N ASP B 221 26.80 -13.97 38.94
CA ASP B 221 27.74 -14.74 39.74
C ASP B 221 28.31 -15.93 38.97
N THR B 222 27.46 -16.59 38.18
CA THR B 222 27.91 -17.67 37.31
C THR B 222 28.87 -17.19 36.21
N VAL B 223 28.54 -16.08 35.58
CA VAL B 223 29.35 -15.55 34.48
C VAL B 223 30.78 -15.21 34.95
N LEU B 224 30.89 -14.68 36.17
CA LEU B 224 32.18 -14.26 36.74
C LEU B 224 32.99 -15.43 37.33
N LEU B 225 32.34 -16.57 37.49
CA LEU B 225 32.82 -17.62 38.38
C LEU B 225 34.15 -18.17 37.89
N PHE B 226 34.28 -18.33 36.57
CA PHE B 226 35.45 -18.96 36.00
C PHE B 226 36.37 -17.94 35.33
N LEU B 227 36.12 -16.66 35.57
CA LEU B 227 37.00 -15.62 35.04
C LEU B 227 38.21 -15.39 35.95
N LYS B 228 39.36 -15.13 35.34
CA LYS B 228 40.62 -14.99 36.08
C LYS B 228 41.12 -13.54 36.06
N SER B 229 40.74 -12.80 35.03
CA SER B 229 41.24 -11.45 34.83
C SER B 229 40.17 -10.41 35.13
N VAL B 230 39.01 -10.56 34.51
CA VAL B 230 37.89 -9.66 34.76
C VAL B 230 37.38 -9.85 36.18
N GLN B 231 37.44 -8.78 36.97
CA GLN B 231 37.01 -8.87 38.37
C GLN B 231 35.80 -7.99 38.70
N ASP B 232 35.33 -7.22 37.73
CA ASP B 232 34.42 -6.12 37.99
C ASP B 232 33.60 -5.96 36.71
N VAL B 233 32.30 -6.19 36.80
CA VAL B 233 31.40 -5.89 35.69
C VAL B 233 30.30 -4.97 36.21
N SER B 234 30.11 -3.84 35.54
CA SER B 234 29.12 -2.85 35.94
CA SER B 234 29.06 -2.91 35.95
C SER B 234 28.17 -2.53 34.78
N LEU B 235 26.92 -2.21 35.12
CA LEU B 235 25.90 -1.82 34.14
C LEU B 235 25.41 -0.44 34.53
N TYR B 236 25.37 0.46 33.56
CA TYR B 236 25.02 1.88 33.73
C TYR B 236 23.98 2.29 32.73
N VAL B 237 23.21 3.32 33.09
CA VAL B 237 22.42 4.07 32.14
C VAL B 237 22.89 5.52 32.11
N ARG B 238 22.78 6.14 30.94
CA ARG B 238 22.96 7.58 30.84
C ARG B 238 21.77 8.20 30.13
N GLU B 239 21.17 9.21 30.77
CA GLU B 239 20.01 9.88 30.21
C GLU B 239 20.42 10.84 29.11
N ALA B 240 19.46 11.20 28.25
CA ALA B 240 19.69 12.07 27.11
C ALA B 240 20.21 13.46 27.50
N ASP B 241 19.98 13.85 28.75
CA ASP B 241 20.51 15.09 29.31
C ASP B 241 21.86 14.93 30.04
N GLY B 242 22.41 13.72 30.04
CA GLY B 242 23.78 13.48 30.51
C GLY B 242 23.92 12.78 31.87
N THR B 243 22.80 12.62 32.57
CA THR B 243 22.80 12.01 33.91
C THR B 243 23.14 10.51 33.84
N GLU B 244 24.16 10.10 34.58
CA GLU B 244 24.66 8.72 34.58
C GLU B 244 24.35 8.02 35.92
N LYS B 245 23.93 6.75 35.84
CA LYS B 245 23.46 6.02 37.02
C LYS B 245 23.86 4.55 36.93
N LEU B 246 24.44 4.03 38.02
CA LEU B 246 24.70 2.59 38.17
C LEU B 246 23.42 1.80 38.30
N VAL B 247 23.24 0.82 37.42
CA VAL B 247 22.14 -0.15 37.53
C VAL B 247 22.51 -1.30 38.45
N PHE B 248 23.71 -1.85 38.27
CA PHE B 248 24.10 -3.11 38.87
C PHE B 248 25.59 -3.27 38.74
N ARG B 249 26.23 -3.82 39.77
CA ARG B 249 27.65 -4.15 39.69
C ARG B 249 27.88 -5.50 40.35
N VAL B 250 28.75 -6.30 39.74
CA VAL B 250 29.18 -7.57 40.32
C VAL B 250 30.72 -7.65 40.32
N THR B 251 31.29 -8.19 41.39
CA THR B 251 32.73 -8.36 41.52
C THR B 251 33.04 -9.81 41.85
N SER B 252 34.21 -10.28 41.40
CA SER B 252 34.84 -11.52 41.89
C SER B 252 34.33 -11.96 43.27
N GLY C 1 18.14 42.11 21.18
CA GLY C 1 18.52 41.01 20.25
C GLY C 1 18.90 41.52 18.86
N PRO C 2 19.40 40.60 18.01
CA PRO C 2 20.01 40.96 16.73
C PRO C 2 18.97 41.55 15.78
N LEU C 3 19.19 42.80 15.34
CA LEU C 3 18.26 43.50 14.46
C LEU C 3 16.83 43.62 15.04
N GLY C 4 16.73 43.59 16.36
CA GLY C 4 15.43 43.63 17.05
C GLY C 4 14.60 42.36 16.90
N SER C 5 15.18 41.34 16.28
CA SER C 5 14.52 40.06 16.05
C SER C 5 14.33 39.32 17.37
N PHE C 6 13.08 38.93 17.62
CA PHE C 6 12.73 38.27 18.87
C PHE C 6 11.45 37.54 18.62
N GLY C 7 11.36 36.29 19.07
CA GLY C 7 10.10 35.58 19.00
C GLY C 7 10.26 34.12 18.73
N GLN C 8 9.14 33.42 18.82
CA GLN C 8 9.09 31.99 18.61
C GLN C 8 9.10 31.69 17.11
N THR C 9 9.89 30.70 16.71
CA THR C 9 9.90 30.22 15.33
C THR C 9 8.71 29.29 15.13
N THR C 10 8.02 29.44 14.01
CA THR C 10 6.94 28.52 13.65
C THR C 10 7.53 27.11 13.48
N PRO C 11 6.94 26.13 14.19
CA PRO C 11 7.40 24.75 14.07
C PRO C 11 7.28 24.24 12.63
N PRO C 12 8.07 23.22 12.26
CA PRO C 12 7.85 22.57 10.98
C PRO C 12 6.47 21.90 10.91
N LEU C 13 5.97 21.76 9.69
CA LEU C 13 4.67 21.17 9.41
C LEU C 13 4.48 19.87 10.18
N VAL C 14 5.54 19.07 10.27
CA VAL C 14 5.44 17.76 10.90
C VAL C 14 5.04 17.86 12.39
N ASP C 15 5.46 18.93 13.06
CA ASP C 15 5.09 19.12 14.46
C ASP C 15 3.60 19.43 14.65
N PHE C 16 3.01 20.17 13.69
CA PHE C 16 1.56 20.38 13.65
C PHE C 16 0.83 19.06 13.45
N LEU C 17 1.36 18.23 12.55
CA LEU C 17 0.74 16.94 12.30
C LEU C 17 0.81 16.00 13.50
N LYS C 18 1.91 16.06 14.25
CA LYS C 18 2.06 15.26 15.46
C LYS C 18 0.97 15.57 16.49
N ASP C 19 0.52 16.83 16.50
CA ASP C 19 -0.56 17.28 17.38
C ASP C 19 -1.89 16.64 17.02
N ILE C 20 -2.19 16.61 15.72
CA ILE C 20 -3.35 15.89 15.21
C ILE C 20 -3.27 14.40 15.54
N LEU C 21 -2.09 13.80 15.40
CA LEU C 21 -1.90 12.38 15.72
C LEU C 21 -2.15 12.05 17.20
N ARG C 22 -1.87 13.01 18.08
CA ARG C 22 -2.22 12.89 19.49
C ARG C 22 -3.74 12.81 19.71
N ARG C 23 -4.48 13.61 18.94
CA ARG C 23 -5.94 13.69 19.09
C ARG C 23 -6.67 12.54 18.41
N TYR C 24 -6.10 12.03 17.33
CA TYR C 24 -6.59 10.82 16.67
C TYR C 24 -5.56 9.70 16.80
N PRO C 25 -5.52 9.04 17.97
CA PRO C 25 -4.51 8.01 18.23
C PRO C 25 -4.68 6.78 17.34
N GLU C 26 -3.60 6.02 17.19
CA GLU C 26 -3.58 4.88 16.27
C GLU C 26 -4.50 3.74 16.73
N GLY C 27 -5.04 3.01 15.75
CA GLY C 27 -6.14 2.09 16.01
C GLY C 27 -7.16 2.21 14.90
N GLY C 28 -8.32 1.59 15.11
CA GLY C 28 -9.32 1.44 14.06
C GLY C 28 -9.95 2.76 13.65
N GLN C 29 -9.82 3.77 14.51
CA GLN C 29 -10.14 5.15 14.14
C GLN C 29 -9.57 5.55 12.78
N ILE C 30 -8.37 5.08 12.44
CA ILE C 30 -7.77 5.40 11.15
C ILE C 30 -8.68 4.98 9.99
N LEU C 31 -9.13 3.73 10.02
CA LEU C 31 -10.06 3.23 9.00
C LEU C 31 -11.39 3.97 9.05
N LYS C 32 -11.92 4.21 10.25
CA LYS C 32 -13.18 4.95 10.38
C LYS C 32 -13.14 6.35 9.75
N GLU C 33 -12.01 7.05 9.89
CA GLU C 33 -11.84 8.38 9.32
C GLU C 33 -11.80 8.34 7.80
N LEU C 34 -11.15 7.31 7.27
CA LEU C 34 -11.14 7.08 5.82
C LEU C 34 -12.52 6.78 5.25
N ILE C 35 -13.31 6.03 6.00
CA ILE C 35 -14.69 5.80 5.61
C ILE C 35 -15.51 7.08 5.62
N GLN C 36 -15.31 7.91 6.65
CA GLN C 36 -15.98 9.21 6.76
C GLN C 36 -15.72 10.09 5.56
N ASN C 37 -14.47 10.11 5.10
CA ASN C 37 -14.13 10.89 3.91
C ASN C 37 -14.91 10.42 2.70
N ALA C 38 -15.07 9.10 2.57
CA ALA C 38 -15.83 8.55 1.45
C ALA C 38 -17.31 8.93 1.54
N GLU C 39 -17.86 8.83 2.75
CA GLU C 39 -19.25 9.16 3.00
C GLU C 39 -19.53 10.61 2.62
N ASP C 40 -18.61 11.50 3.02
CA ASP C 40 -18.75 12.94 2.76
C ASP C 40 -18.69 13.26 1.26
N ALA C 41 -18.03 12.40 0.51
CA ALA C 41 -17.92 12.54 -0.93
C ALA C 41 -19.08 11.89 -1.68
N GLY C 42 -19.94 11.17 -0.96
CA GLY C 42 -21.06 10.51 -1.58
C GLY C 42 -20.69 9.19 -2.25
N ALA C 43 -19.55 8.63 -1.85
CA ALA C 43 -19.21 7.25 -2.24
C ALA C 43 -20.23 6.28 -1.70
N THR C 44 -20.37 5.15 -2.39
CA THR C 44 -21.27 4.09 -1.90
C THR C 44 -20.51 2.86 -1.44
N GLU C 45 -19.22 2.84 -1.69
CA GLU C 45 -18.41 1.69 -1.23
C GLU C 45 -17.01 2.13 -0.89
N VAL C 46 -16.42 1.42 0.06
CA VAL C 46 -15.05 1.64 0.47
C VAL C 46 -14.36 0.29 0.53
N LYS C 47 -13.17 0.19 -0.06
CA LYS C 47 -12.42 -1.04 -0.03
C LYS C 47 -11.03 -0.76 0.55
N PHE C 48 -10.63 -1.52 1.57
CA PHE C 48 -9.30 -1.44 2.13
C PHE C 48 -8.55 -2.68 1.68
N LEU C 49 -7.31 -2.49 1.27
CA LEU C 49 -6.52 -3.61 0.80
C LEU C 49 -5.11 -3.46 1.34
N TYR C 50 -4.66 -4.43 2.13
CA TYR C 50 -3.24 -4.54 2.45
C TYR C 50 -2.51 -5.25 1.33
N ASP C 51 -1.51 -4.60 0.76
CA ASP C 51 -0.78 -5.14 -0.37
C ASP C 51 0.64 -5.45 0.05
N GLU C 52 1.04 -6.71 -0.08
CA GLU C 52 2.40 -7.16 0.27
C GLU C 52 3.45 -6.83 -0.81
N THR C 53 2.98 -6.41 -1.98
CA THR C 53 3.85 -6.24 -3.14
C THR C 53 5.00 -5.28 -2.84
N GLN C 54 6.21 -5.75 -3.17
CA GLN C 54 7.36 -4.89 -3.28
C GLN C 54 7.51 -4.43 -4.73
N TYR C 55 7.44 -3.14 -4.96
CA TYR C 55 7.64 -2.59 -6.29
C TYR C 55 9.11 -2.28 -6.53
N GLY C 56 9.46 -2.00 -7.79
CA GLY C 56 10.85 -1.83 -8.18
C GLY C 56 11.37 -0.49 -7.67
N THR C 57 12.69 -0.33 -7.61
CA THR C 57 13.29 0.90 -7.08
C THR C 57 14.24 1.58 -8.08
N GLU C 58 14.06 1.28 -9.37
CA GLU C 58 14.93 1.81 -10.41
C GLU C 58 14.40 3.11 -11.02
N THR C 59 13.26 3.02 -11.70
CA THR C 59 12.69 4.17 -12.40
C THR C 59 11.76 4.94 -11.47
N LEU C 60 12.40 5.57 -10.47
CA LEU C 60 11.71 6.42 -9.51
C LEU C 60 12.02 7.88 -9.76
N TRP C 61 11.21 8.76 -9.20
CA TRP C 61 11.42 10.21 -9.30
C TRP C 61 12.80 10.59 -8.75
N SER C 62 13.20 9.94 -7.67
CA SER C 62 14.56 10.03 -7.15
C SER C 62 14.89 8.77 -6.36
N LYS C 63 16.17 8.61 -6.01
CA LYS C 63 16.59 7.50 -5.15
C LYS C 63 15.94 7.53 -3.77
N ASP C 64 15.65 8.74 -3.29
CA ASP C 64 15.05 8.94 -1.98
C ASP C 64 13.61 8.42 -1.90
N MSE C 65 13.06 8.00 -3.04
CA MSE C 65 11.70 7.44 -3.08
C MSE C 65 11.67 5.97 -2.80
O MSE C 65 10.60 5.40 -2.57
CB MSE C 65 11.05 7.67 -4.44
CG MSE C 65 10.96 9.13 -4.90
SE MSE C 65 10.03 10.30 -3.62
CE MSE C 65 8.23 9.49 -3.72
N ALA C 66 12.84 5.31 -2.83
CA ALA C 66 12.89 3.85 -2.71
C ALA C 66 12.20 3.29 -1.46
N PRO C 67 12.30 3.98 -0.30
CA PRO C 67 11.67 3.47 0.93
C PRO C 67 10.15 3.42 0.90
N TYR C 68 9.53 3.94 -0.14
CA TYR C 68 8.06 4.01 -0.17
C TYR C 68 7.47 3.09 -1.22
N GLN C 69 8.31 2.18 -1.73
CA GLN C 69 7.91 1.28 -2.83
C GLN C 69 7.45 -0.09 -2.34
N GLY C 70 7.44 -0.29 -1.02
CA GLY C 70 7.11 -1.58 -0.47
C GLY C 70 5.65 -1.69 -0.08
N PRO C 71 5.33 -2.59 0.87
CA PRO C 71 3.96 -2.87 1.26
C PRO C 71 3.21 -1.64 1.69
N ALA C 72 1.93 -1.61 1.33
CA ALA C 72 1.13 -0.43 1.57
C ALA C 72 -0.28 -0.85 1.97
N LEU C 73 -0.95 0.04 2.70
CA LEU C 73 -2.40 -0.02 2.81
C LEU C 73 -3.01 0.84 1.72
N TYR C 74 -3.88 0.23 0.91
CA TYR C 74 -4.62 0.96 -0.12
C TYR C 74 -6.05 1.14 0.33
N VAL C 75 -6.66 2.24 -0.10
CA VAL C 75 -8.07 2.47 0.23
C VAL C 75 -8.74 3.07 -0.98
N TYR C 76 -9.83 2.44 -1.42
CA TYR C 76 -10.61 2.84 -2.59
C TYR C 76 -11.97 3.32 -2.15
N ASN C 77 -12.46 4.39 -2.77
CA ASN C 77 -13.91 4.59 -2.83
C ASN C 77 -14.33 5.03 -4.21
N ASN C 78 -15.62 4.96 -4.50
CA ASN C 78 -16.09 5.16 -5.86
C ASN C 78 -16.58 6.56 -6.15
N ALA C 79 -16.19 7.52 -5.31
CA ALA C 79 -16.39 8.93 -5.62
C ALA C 79 -15.13 9.45 -6.30
N VAL C 80 -15.25 10.51 -7.08
CA VAL C 80 -14.06 11.14 -7.66
C VAL C 80 -13.84 12.49 -6.99
N PHE C 81 -12.58 12.82 -6.77
CA PHE C 81 -12.18 14.14 -6.26
C PHE C 81 -12.74 15.28 -7.11
N THR C 82 -13.32 16.26 -6.42
CA THR C 82 -13.63 17.56 -7.01
C THR C 82 -12.41 18.46 -6.89
N PRO C 83 -12.39 19.63 -7.58
CA PRO C 83 -11.31 20.59 -7.28
C PRO C 83 -11.28 20.98 -5.81
N GLU C 84 -12.44 21.04 -5.18
CA GLU C 84 -12.58 21.38 -3.76
C GLU C 84 -11.90 20.35 -2.86
N ASP C 85 -12.03 19.08 -3.22
CA ASP C 85 -11.32 18.00 -2.54
C ASP C 85 -9.81 18.11 -2.62
N TRP C 86 -9.28 18.39 -3.82
CA TRP C 86 -7.84 18.57 -4.00
C TRP C 86 -7.29 19.75 -3.21
N HIS C 87 -8.06 20.84 -3.16
CA HIS C 87 -7.73 21.98 -2.33
C HIS C 87 -7.81 21.58 -0.86
N GLY C 88 -8.87 20.87 -0.49
CA GLY C 88 -9.18 20.58 0.90
C GLY C 88 -8.15 19.68 1.58
N ILE C 89 -7.61 18.73 0.82
CA ILE C 89 -6.63 17.79 1.38
C ILE C 89 -5.32 18.51 1.75
N GLN C 90 -5.09 19.66 1.11
CA GLN C 90 -3.88 20.43 1.27
C GLN C 90 -3.94 21.36 2.47
N GLU C 91 -5.09 21.44 3.12
CA GLU C 91 -5.27 22.36 4.24
C GLU C 91 -5.51 21.58 5.53
N ILE C 92 -4.88 22.00 6.62
CA ILE C 92 -5.00 21.31 7.91
C ILE C 92 -5.22 22.28 9.07
N ALA C 93 -6.20 23.17 8.91
CA ALA C 93 -6.00 24.62 9.06
C ALA C 93 -4.60 25.09 8.69
N VAL C 104 -14.70 23.25 -0.01
CA VAL C 104 -14.00 22.96 1.23
C VAL C 104 -13.52 21.51 1.27
N GLY C 105 -14.38 20.59 0.82
CA GLY C 105 -13.96 19.24 0.45
C GLY C 105 -14.60 18.18 1.33
N ARG C 106 -14.30 16.91 1.03
CA ARG C 106 -14.75 15.80 1.88
C ARG C 106 -13.90 15.65 3.17
N PHE C 107 -13.01 16.60 3.40
CA PHE C 107 -11.80 16.37 4.20
C PHE C 107 -11.81 17.14 5.51
N GLY C 108 -11.85 16.40 6.61
CA GLY C 108 -11.58 16.96 7.94
C GLY C 108 -10.20 16.63 8.47
N ILE C 109 -9.84 17.29 9.57
CA ILE C 109 -8.54 17.13 10.24
C ILE C 109 -8.19 15.66 10.54
N GLY C 110 -9.21 14.80 10.58
CA GLY C 110 -9.07 13.40 10.96
C GLY C 110 -8.48 12.50 9.91
N PHE C 111 -8.50 12.93 8.65
CA PHE C 111 -7.77 12.24 7.58
C PHE C 111 -6.28 12.10 7.87
N ASN C 112 -5.70 13.11 8.52
CA ASN C 112 -4.28 13.09 8.87
C ASN C 112 -3.89 11.98 9.82
N SER C 113 -4.88 11.28 10.38
CA SER C 113 -4.61 10.06 11.14
C SER C 113 -3.83 9.00 10.31
N VAL C 114 -3.89 9.10 8.98
CA VAL C 114 -3.13 8.17 8.12
C VAL C 114 -1.62 8.31 8.34
N TYR C 115 -1.20 9.45 8.88
CA TYR C 115 0.21 9.61 9.19
C TYR C 115 0.69 8.72 10.33
N HIS C 116 -0.23 8.09 11.08
CA HIS C 116 0.18 6.98 11.95
C HIS C 116 0.87 5.84 11.21
N ILE C 117 0.51 5.62 9.95
CA ILE C 117 0.95 4.43 9.24
C ILE C 117 1.97 4.75 8.14
N THR C 118 1.99 6.00 7.67
CA THR C 118 2.81 6.36 6.53
C THR C 118 3.38 7.78 6.63
N ASP C 119 4.57 7.98 6.07
CA ASP C 119 5.10 9.33 5.89
C ASP C 119 4.72 9.97 4.56
N VAL C 120 4.25 9.15 3.62
CA VAL C 120 4.04 9.62 2.24
C VAL C 120 2.68 9.12 1.70
N PRO C 121 1.57 9.72 2.17
CA PRO C 121 0.26 9.35 1.59
C PRO C 121 0.18 9.72 0.13
N CYS C 122 -0.36 8.82 -0.68
CA CYS C 122 -0.56 9.05 -2.10
C CYS C 122 -2.02 9.02 -2.44
N ILE C 123 -2.43 9.90 -3.34
CA ILE C 123 -3.84 10.05 -3.69
C ILE C 123 -3.98 10.05 -5.21
N PHE C 124 -4.83 9.16 -5.72
CA PHE C 124 -5.03 9.00 -7.17
C PHE C 124 -6.53 9.14 -7.41
N SER C 125 -6.92 10.18 -8.13
CA SER C 125 -8.33 10.33 -8.46
C SER C 125 -8.44 11.11 -9.75
N GLY C 126 -9.27 10.62 -10.65
CA GLY C 126 -9.47 11.29 -11.95
C GLY C 126 -8.17 11.33 -12.73
N ASP C 127 -7.75 12.52 -13.12
CA ASP C 127 -6.55 12.69 -13.95
C ASP C 127 -5.28 13.03 -13.16
N GLN C 128 -5.32 12.89 -11.84
CA GLN C 128 -4.19 13.33 -11.02
C GLN C 128 -3.74 12.32 -9.99
N ILE C 129 -2.42 12.23 -9.81
CA ILE C 129 -1.85 11.55 -8.66
C ILE C 129 -1.08 12.58 -7.86
N GLY C 130 -1.36 12.63 -6.56
CA GLY C 130 -0.58 13.48 -5.65
C GLY C 130 0.08 12.69 -4.56
N MSE C 131 1.26 13.13 -4.13
CA MSE C 131 1.94 12.54 -3.00
C MSE C 131 2.21 13.63 -2.02
O MSE C 131 2.71 14.69 -2.39
CB MSE C 131 3.25 11.95 -3.47
CG MSE C 131 2.99 10.82 -4.47
SE MSE C 131 4.67 9.88 -4.96
CE MSE C 131 3.77 8.63 -6.17
N LEU C 132 1.90 13.39 -0.75
CA LEU C 132 2.22 14.35 0.31
C LEU C 132 3.54 13.97 0.98
N ASP C 133 4.40 14.96 1.19
CA ASP C 133 5.63 14.76 1.96
C ASP C 133 5.82 15.87 2.99
N PRO C 134 5.14 15.75 4.14
CA PRO C 134 5.20 16.85 5.12
C PRO C 134 6.59 17.13 5.70
N HIS C 135 7.48 16.13 5.70
CA HIS C 135 8.87 16.33 6.13
C HIS C 135 9.68 17.23 5.19
N GLN C 136 9.18 17.39 3.96
CA GLN C 136 9.81 18.26 2.95
C GLN C 136 11.27 17.91 2.68
N THR C 137 11.52 16.64 2.38
CA THR C 137 12.84 16.18 1.95
C THR C 137 12.85 15.60 0.53
N LEU C 138 11.69 15.23 0.00
CA LEU C 138 11.65 14.37 -1.17
C LEU C 138 11.62 15.12 -2.49
N PHE C 139 10.92 16.26 -2.51
CA PHE C 139 10.59 16.92 -3.77
C PHE C 139 11.27 18.28 -3.90
N GLY C 140 12.32 18.47 -3.12
CA GLY C 140 13.13 19.70 -3.17
C GLY C 140 12.73 20.65 -2.06
N PRO C 141 13.40 21.82 -1.99
CA PRO C 141 13.30 22.66 -0.79
C PRO C 141 11.89 23.25 -0.64
N HIS C 142 11.33 23.13 0.57
CA HIS C 142 10.01 23.69 0.94
C HIS C 142 8.86 23.18 0.07
N GLU C 143 9.09 22.08 -0.64
CA GLU C 143 8.01 21.33 -1.27
C GLU C 143 7.48 20.28 -0.30
N SER C 144 6.18 20.33 -0.02
CA SER C 144 5.57 19.38 0.91
C SER C 144 4.74 18.34 0.17
N GLY C 145 5.03 18.18 -1.12
CA GLY C 145 4.35 17.16 -1.91
C GLY C 145 4.66 17.37 -3.37
N GLN C 146 4.02 16.55 -4.21
CA GLN C 146 4.21 16.63 -5.64
C GLN C 146 3.00 16.02 -6.29
N CYS C 147 2.69 16.44 -7.51
CA CYS C 147 1.59 15.83 -8.20
C CYS C 147 1.84 15.77 -9.70
N TRP C 148 1.20 14.79 -10.34
CA TRP C 148 1.34 14.55 -11.77
C TRP C 148 -0.04 14.46 -12.33
N ASN C 149 -0.25 15.08 -13.47
CA ASN C 149 -1.44 14.92 -14.26
C ASN C 149 -1.24 13.80 -15.29
N LEU C 150 -2.16 12.83 -15.31
CA LEU C 150 -2.00 11.63 -16.13
C LEU C 150 -2.01 11.94 -17.62
N LYS C 151 -2.63 13.05 -17.99
CA LYS C 151 -2.60 13.50 -19.37
C LYS C 151 -1.38 14.38 -19.62
N ASP C 152 -1.26 15.47 -18.86
CA ASP C 152 -0.20 16.47 -19.11
C ASP C 152 1.20 15.92 -18.87
N ASP C 153 1.33 15.01 -17.90
CA ASP C 153 2.61 14.44 -17.50
C ASP C 153 2.75 12.97 -17.90
N SER C 154 2.04 12.59 -18.96
CA SER C 154 2.00 11.19 -19.40
C SER C 154 3.41 10.65 -19.72
N LYS C 155 4.25 11.49 -20.34
CA LYS C 155 5.62 11.11 -20.67
C LYS C 155 6.44 10.82 -19.42
N GLU C 156 6.37 11.72 -18.44
CA GLU C 156 7.11 11.53 -17.19
C GLU C 156 6.63 10.28 -16.46
N ILE C 157 5.32 10.06 -16.47
CA ILE C 157 4.75 8.92 -15.73
C ILE C 157 5.30 7.63 -16.34
N SER C 158 5.36 7.58 -17.67
CA SER C 158 5.87 6.41 -18.38
C SER C 158 7.37 6.19 -18.13
N GLU C 159 8.14 7.28 -18.11
CA GLU C 159 9.54 7.25 -17.74
C GLU C 159 9.74 6.65 -16.35
N LEU C 160 8.84 7.02 -15.43
CA LEU C 160 8.98 6.64 -14.03
C LEU C 160 8.12 5.41 -13.73
N SER C 161 8.34 4.34 -14.48
CA SER C 161 7.41 3.21 -14.46
C SER C 161 7.34 2.55 -13.09
N ASP C 162 8.47 2.47 -12.38
CA ASP C 162 8.41 1.90 -11.02
C ASP C 162 7.64 2.80 -10.07
N GLN C 163 7.74 4.11 -10.29
CA GLN C 163 7.05 5.09 -9.44
C GLN C 163 5.54 4.93 -9.55
N PHE C 164 5.08 4.57 -10.73
CA PHE C 164 3.64 4.56 -10.98
C PHE C 164 3.02 3.19 -11.09
N ALA C 165 3.86 2.16 -11.16
CA ALA C 165 3.39 0.77 -11.07
C ALA C 165 2.47 0.48 -9.88
N PRO C 166 2.72 1.09 -8.71
CA PRO C 166 1.82 0.77 -7.60
C PRO C 166 0.41 1.32 -7.77
N PHE C 167 0.17 2.09 -8.84
CA PHE C 167 -1.16 2.69 -9.06
C PHE C 167 -1.91 2.00 -10.17
N VAL C 168 -1.37 0.86 -10.62
CA VAL C 168 -2.04 0.03 -11.63
CA VAL C 168 -2.01 0.02 -11.64
C VAL C 168 -2.18 -1.40 -11.14
N GLY C 169 -3.22 -2.07 -11.61
CA GLY C 169 -3.46 -3.48 -11.30
C GLY C 169 -4.23 -3.70 -10.01
N ILE C 170 -4.83 -2.63 -9.51
CA ILE C 170 -5.58 -2.64 -8.26
C ILE C 170 -6.81 -1.75 -8.51
N PHE C 171 -7.95 -2.14 -7.93
CA PHE C 171 -9.17 -1.32 -7.93
C PHE C 171 -9.67 -0.98 -9.34
N GLY C 172 -9.36 -1.85 -10.29
CA GLY C 172 -9.76 -1.62 -11.69
C GLY C 172 -8.90 -0.62 -12.45
N SER C 173 -7.80 -0.19 -11.86
CA SER C 173 -6.84 0.64 -12.57
C SER C 173 -6.02 -0.27 -13.50
N THR C 174 -5.88 0.14 -14.76
CA THR C 174 -5.28 -0.71 -15.81
C THR C 174 -4.36 0.14 -16.66
N LYS C 175 -3.65 -0.51 -17.57
CA LYS C 175 -2.97 0.20 -18.66
C LYS C 175 -3.86 1.30 -19.26
N GLU C 176 -5.12 0.94 -19.54
CA GLU C 176 -6.07 1.86 -20.15
C GLU C 176 -6.38 3.06 -19.29
N THR C 177 -6.40 2.90 -17.97
CA THR C 177 -6.56 4.05 -17.08
C THR C 177 -5.52 5.12 -17.38
N PHE C 178 -4.29 4.67 -17.62
CA PHE C 178 -3.19 5.60 -17.85
C PHE C 178 -3.11 6.13 -19.27
N ILE C 179 -3.48 5.31 -20.25
CA ILE C 179 -3.65 5.80 -21.62
C ILE C 179 -4.74 6.87 -21.67
N ASN C 180 -5.86 6.57 -21.02
CA ASN C 180 -7.00 7.48 -20.96
C ASN C 180 -6.70 8.72 -20.17
N GLY C 181 -5.91 8.56 -19.10
CA GLY C 181 -5.62 9.66 -18.19
C GLY C 181 -6.75 10.02 -17.24
N ASN C 182 -7.51 9.02 -16.79
CA ASN C 182 -8.68 9.26 -15.95
C ASN C 182 -9.06 7.99 -15.22
N PHE C 183 -8.85 7.99 -13.90
CA PHE C 183 -9.40 6.95 -13.04
C PHE C 183 -10.70 7.43 -12.41
N PRO C 184 -11.84 6.86 -12.82
CA PRO C 184 -13.15 7.34 -12.32
C PRO C 184 -13.48 6.78 -10.93
N GLY C 185 -12.68 7.18 -9.97
CA GLY C 185 -12.89 6.85 -8.57
C GLY C 185 -11.75 7.45 -7.79
N THR C 186 -11.56 6.99 -6.56
CA THR C 186 -10.50 7.49 -5.71
C THR C 186 -9.75 6.33 -5.13
N PHE C 187 -8.43 6.34 -5.21
CA PHE C 187 -7.71 5.52 -4.26
C PHE C 187 -6.46 6.13 -3.73
N PHE C 188 -6.24 5.71 -2.49
CA PHE C 188 -5.11 6.12 -1.73
C PHE C 188 -4.15 4.95 -1.66
N ARG C 189 -2.87 5.26 -1.68
CA ARG C 189 -1.81 4.30 -1.34
C ARG C 189 -1.02 4.88 -0.17
N PHE C 190 -0.94 4.11 0.91
CA PHE C 190 -0.23 4.52 2.12
C PHE C 190 0.92 3.56 2.35
N PRO C 191 2.11 3.87 1.81
CA PRO C 191 3.26 2.99 1.99
C PRO C 191 3.60 2.88 3.46
N LEU C 192 3.67 1.65 3.98
CA LEU C 192 3.79 1.46 5.43
C LEU C 192 5.16 1.91 5.92
N ARG C 193 5.17 2.71 6.98
CA ARG C 193 6.44 3.25 7.48
C ARG C 193 7.37 2.13 7.95
N LEU C 194 8.58 2.13 7.40
CA LEU C 194 9.58 1.14 7.79
C LEU C 194 10.84 1.73 8.39
N GLN C 195 10.92 3.05 8.44
CA GLN C 195 11.93 3.76 9.24
C GLN C 195 11.27 4.86 10.05
N PRO C 196 11.62 4.98 11.34
CA PRO C 196 10.99 6.06 12.10
C PRO C 196 11.34 7.44 11.53
N SER C 197 10.42 8.38 11.67
CA SER C 197 10.61 9.72 11.17
C SER C 197 10.35 10.73 12.28
N GLN C 198 10.57 12.01 11.99
CA GLN C 198 10.17 13.08 12.91
C GLN C 198 8.69 13.02 13.25
N LEU C 199 7.87 12.65 12.26
CA LEU C 199 6.43 12.51 12.42
C LEU C 199 6.01 11.43 13.39
N SER C 200 6.62 10.25 13.26
CA SER C 200 6.15 9.06 13.96
C SER C 200 7.24 8.00 13.99
N SER C 201 7.34 7.30 15.12
CA SER C 201 8.13 6.08 15.20
C SER C 201 7.31 4.80 15.03
N ASN C 202 5.99 4.93 14.90
CA ASN C 202 5.13 3.82 14.49
C ASN C 202 5.59 3.18 13.19
N LEU C 203 6.13 1.97 13.28
CA LEU C 203 6.45 1.22 12.08
C LEU C 203 5.39 0.18 11.79
N TYR C 204 4.93 0.15 10.54
CA TYR C 204 3.83 -0.73 10.18
C TYR C 204 4.28 -1.87 9.28
N ASN C 205 3.68 -3.02 9.55
CA ASN C 205 3.86 -4.22 8.76
C ASN C 205 2.50 -4.85 8.49
N LYS C 206 2.49 -5.95 7.75
CA LYS C 206 1.32 -6.81 7.59
C LYS C 206 0.55 -7.00 8.90
N GLN C 207 1.27 -7.40 9.96
CA GLN C 207 0.63 -7.78 11.21
C GLN C 207 -0.14 -6.63 11.88
N LYS C 208 0.48 -5.45 11.94
CA LYS C 208 -0.16 -4.30 12.56
C LYS C 208 -1.33 -3.77 11.72
N VAL C 209 -1.24 -3.93 10.41
CA VAL C 209 -2.38 -3.63 9.53
C VAL C 209 -3.53 -4.61 9.76
N LEU C 210 -3.22 -5.90 9.79
CA LEU C 210 -4.26 -6.91 10.08
C LEU C 210 -4.90 -6.71 11.46
N GLU C 211 -4.13 -6.18 12.41
CA GLU C 211 -4.68 -5.78 13.71
C GLU C 211 -5.63 -4.58 13.63
N LEU C 212 -5.33 -3.61 12.77
CA LEU C 212 -6.29 -2.54 12.46
C LEU C 212 -7.56 -3.10 11.83
N PHE C 213 -7.41 -4.04 10.90
CA PHE C 213 -8.56 -4.71 10.26
C PHE C 213 -9.42 -5.43 11.31
N GLU C 214 -8.76 -6.08 12.26
CA GLU C 214 -9.44 -6.73 13.37
C GLU C 214 -10.21 -5.76 14.25
N SER C 215 -9.62 -4.59 14.51
CA SER C 215 -10.25 -3.56 15.33
C SER C 215 -11.48 -3.01 14.64
N PHE C 216 -11.36 -2.68 13.36
CA PHE C 216 -12.51 -2.25 12.58
C PHE C 216 -13.61 -3.31 12.56
N ARG C 217 -13.23 -4.56 12.34
CA ARG C 217 -14.18 -5.67 12.25
C ARG C 217 -15.12 -5.72 13.45
N ALA C 218 -14.54 -5.60 14.65
CA ALA C 218 -15.31 -5.56 15.89
C ALA C 218 -16.35 -4.43 15.92
N ASP C 219 -16.04 -3.31 15.26
CA ASP C 219 -16.83 -2.09 15.39
C ASP C 219 -17.65 -1.77 14.14
N ALA C 220 -17.67 -2.70 13.19
CA ALA C 220 -18.06 -2.39 11.81
C ALA C 220 -19.54 -2.04 11.70
N ASP C 221 -20.37 -2.79 12.42
CA ASP C 221 -21.81 -2.56 12.42
C ASP C 221 -22.17 -1.18 12.97
N THR C 222 -21.52 -0.81 14.07
CA THR C 222 -21.63 0.54 14.65
C THR C 222 -21.27 1.65 13.64
N VAL C 223 -20.17 1.46 12.93
CA VAL C 223 -19.72 2.44 11.95
C VAL C 223 -20.78 2.63 10.85
N LEU C 224 -21.26 1.53 10.26
CA LEU C 224 -22.22 1.61 9.16
C LEU C 224 -23.57 2.20 9.61
N LEU C 225 -23.86 2.08 10.90
CA LEU C 225 -25.06 2.63 11.55
C LEU C 225 -25.32 4.10 11.22
N PHE C 226 -24.25 4.89 11.09
CA PHE C 226 -24.41 6.32 10.91
C PHE C 226 -24.08 6.77 9.49
N LEU C 227 -23.94 5.81 8.59
CA LEU C 227 -23.68 6.14 7.18
C LEU C 227 -24.91 5.98 6.31
N LYS C 228 -25.03 6.88 5.35
CA LYS C 228 -26.19 6.93 4.46
C LYS C 228 -25.79 6.47 3.07
N SER C 229 -24.66 7.00 2.60
CA SER C 229 -24.22 6.80 1.22
C SER C 229 -23.41 5.51 1.11
N VAL C 230 -22.42 5.36 1.98
CA VAL C 230 -21.58 4.16 2.00
C VAL C 230 -22.41 2.98 2.51
N GLN C 231 -22.46 1.92 1.70
CA GLN C 231 -23.30 0.77 1.97
C GLN C 231 -22.51 -0.52 2.06
N ASP C 232 -21.21 -0.44 1.84
CA ASP C 232 -20.39 -1.64 1.60
C ASP C 232 -18.97 -1.24 1.95
N VAL C 233 -18.42 -1.85 3.00
CA VAL C 233 -17.02 -1.68 3.38
C VAL C 233 -16.36 -3.05 3.42
N SER C 234 -15.25 -3.19 2.71
CA SER C 234 -14.55 -4.47 2.62
C SER C 234 -13.08 -4.32 2.93
N LEU C 235 -12.49 -5.42 3.40
CA LEU C 235 -11.09 -5.48 3.72
C LEU C 235 -10.49 -6.67 2.99
N TYR C 236 -9.40 -6.42 2.28
CA TYR C 236 -8.70 -7.45 1.50
C TYR C 236 -7.23 -7.52 1.85
N VAL C 237 -6.61 -8.67 1.58
CA VAL C 237 -5.16 -8.81 1.52
C VAL C 237 -4.74 -9.25 0.12
N ARG C 238 -3.66 -8.65 -0.40
CA ARG C 238 -2.91 -9.23 -1.50
C ARG C 238 -1.52 -9.64 -1.05
N GLU C 239 -1.20 -10.93 -1.18
CA GLU C 239 0.13 -11.43 -0.85
C GLU C 239 1.12 -11.09 -1.97
N ALA C 240 2.41 -11.30 -1.69
CA ALA C 240 3.47 -10.76 -2.54
C ALA C 240 3.53 -11.53 -3.85
N ASP C 241 3.29 -12.84 -3.76
CA ASP C 241 3.04 -13.71 -4.91
C ASP C 241 1.85 -13.25 -5.75
N THR C 243 -3.31 -11.88 -6.35
CA THR C 243 -3.93 -12.90 -5.50
C THR C 243 -4.62 -12.26 -4.29
N GLU C 244 -5.77 -11.63 -4.53
CA GLU C 244 -6.57 -11.01 -3.47
C GLU C 244 -7.33 -12.05 -2.64
N LYS C 245 -7.35 -11.86 -1.32
CA LYS C 245 -8.23 -12.59 -0.43
C LYS C 245 -9.13 -11.59 0.29
N LEU C 246 -10.43 -11.81 0.24
CA LEU C 246 -11.38 -11.07 1.08
C LEU C 246 -11.25 -11.49 2.54
N VAL C 247 -10.94 -10.52 3.41
CA VAL C 247 -10.83 -10.72 4.85
C VAL C 247 -12.21 -10.56 5.50
N PHE C 248 -12.89 -9.49 5.14
CA PHE C 248 -14.14 -9.13 5.81
C PHE C 248 -14.93 -8.20 4.91
N ARG C 249 -16.26 -8.34 4.89
CA ARG C 249 -17.11 -7.29 4.34
C ARG C 249 -18.27 -7.03 5.30
N VAL C 250 -18.65 -5.76 5.43
CA VAL C 250 -19.91 -5.38 6.03
C VAL C 250 -20.75 -4.57 5.04
N THR C 251 -22.05 -4.84 4.97
CA THR C 251 -22.95 -4.09 4.11
C THR C 251 -24.20 -3.71 4.86
N SER C 252 -24.89 -2.69 4.35
CA SER C 252 -26.25 -2.38 4.80
C SER C 252 -27.36 -2.98 3.93
N SER C 253 -27.00 -3.87 3.01
CA SER C 253 -28.01 -4.58 2.20
C SER C 253 -28.61 -5.76 2.96
C1 GOL D . -13.22 -2.11 -16.37
O1 GOL D . -13.07 -3.52 -16.60
C2 GOL D . -12.33 -1.59 -15.24
O2 GOL D . -10.95 -1.79 -15.61
C3 GOL D . -12.57 -0.10 -15.06
O3 GOL D . -11.84 0.39 -13.92
C1 GOL E . -14.15 -1.99 -11.65
O1 GOL E . -13.16 -2.80 -11.00
C2 GOL E . -15.36 -2.88 -11.91
O2 GOL E . -15.84 -3.41 -10.67
C3 GOL E . -16.49 -2.18 -12.67
O3 GOL E . -17.39 -1.44 -11.80
C1 GOL F . -21.71 -0.48 -9.42
O1 GOL F . -20.49 -0.72 -8.71
C2 GOL F . -21.63 0.77 -10.30
O2 GOL F . -21.21 1.89 -9.52
C3 GOL F . -20.64 0.57 -11.44
O3 GOL F . -20.53 1.80 -12.18
C1 GOL G . 23.19 -0.32 7.04
O1 GOL G . 23.82 -0.27 5.75
C2 GOL G . 21.66 -0.24 6.95
O2 GOL G . 21.25 1.10 6.61
C3 GOL G . 21.04 -1.19 5.95
O3 GOL G . 19.66 -1.33 6.30
C1 GOL H . 36.96 4.31 34.55
O1 GOL H . 37.10 2.89 34.67
C2 GOL H . 37.04 4.72 33.08
O2 GOL H . 38.31 4.33 32.57
C3 GOL H . 35.92 4.04 32.28
O3 GOL H . 34.66 4.60 32.63
C1 GOL I . 10.51 11.72 3.79
O1 GOL I . 10.52 13.15 3.73
C2 GOL I . 10.17 11.23 5.19
O2 GOL I . 10.02 9.80 5.16
C3 GOL I . 11.30 11.54 6.16
O3 GOL I . 12.51 10.96 5.67
#